data_2M1S
#
_entry.id   2M1S
#
loop_
_entity.id
_entity.type
_entity.pdbx_description
1 polymer 'RING finger protein Z'
2 non-polymer 'ZINC ION'
#
_entity_poly.entity_id   1
_entity_poly.type   'polypeptide(L)'
_entity_poly.pdbx_seq_one_letter_code
;MGNKQAKAPESKDSPRASLIPDATHLGPQFCKSCWFENKGLVECNNHYLCLNCLTLLLSVSNRCPICKMPLPTKLRPSAA
PTAPPTGAADSIRPPPYSP
;
_entity_poly.pdbx_strand_id   A
#
# COMPACT_ATOMS: atom_id res chain seq x y z
N MET A 1 -11.82 -30.17 -52.89
CA MET A 1 -10.59 -30.08 -52.05
C MET A 1 -10.92 -30.42 -50.59
N GLY A 2 -11.98 -29.85 -50.06
CA GLY A 2 -12.35 -30.13 -48.65
C GLY A 2 -12.15 -28.87 -47.80
N ASN A 3 -13.04 -27.91 -47.94
CA ASN A 3 -12.91 -26.65 -47.14
C ASN A 3 -13.53 -26.83 -45.75
N LYS A 4 -12.75 -26.70 -44.72
CA LYS A 4 -13.28 -26.86 -43.34
C LYS A 4 -12.60 -25.87 -42.38
N GLN A 5 -13.27 -25.51 -41.32
CA GLN A 5 -12.68 -24.54 -40.34
C GLN A 5 -11.57 -25.24 -39.53
N ALA A 6 -10.46 -24.58 -39.36
CA ALA A 6 -9.34 -25.19 -38.59
C ALA A 6 -9.11 -24.39 -37.29
N LYS A 7 -8.70 -25.07 -36.25
CA LYS A 7 -8.44 -24.36 -34.95
C LYS A 7 -6.94 -24.29 -34.68
N ALA A 8 -6.49 -23.21 -34.09
CA ALA A 8 -5.03 -23.08 -33.80
C ALA A 8 -4.82 -22.21 -32.53
N PRO A 9 -5.06 -22.80 -31.38
CA PRO A 9 -4.88 -22.05 -30.11
C PRO A 9 -3.40 -21.84 -29.82
N GLU A 10 -3.07 -20.82 -29.07
CA GLU A 10 -1.63 -20.57 -28.75
C GLU A 10 -1.36 -20.87 -27.27
N SER A 11 -0.46 -21.79 -27.00
CA SER A 11 -0.14 -22.13 -25.58
C SER A 11 0.39 -20.91 -24.84
N LYS A 12 1.25 -20.13 -25.46
CA LYS A 12 1.81 -18.91 -24.80
C LYS A 12 2.36 -19.25 -23.41
N ASP A 13 2.88 -20.44 -23.25
CA ASP A 13 3.44 -20.85 -21.93
C ASP A 13 4.64 -19.97 -21.56
N SER A 14 5.45 -19.62 -22.52
CA SER A 14 6.64 -18.76 -22.25
C SER A 14 6.80 -17.72 -23.36
N PRO A 15 6.03 -16.64 -23.27
CA PRO A 15 6.11 -15.57 -24.30
C PRO A 15 7.40 -14.78 -24.16
N ARG A 16 7.85 -14.18 -25.24
CA ARG A 16 9.11 -13.37 -25.19
C ARG A 16 8.80 -11.87 -25.32
N ALA A 17 7.54 -11.49 -25.16
CA ALA A 17 7.15 -10.07 -25.27
C ALA A 17 6.45 -9.63 -23.99
N SER A 18 6.36 -8.34 -23.76
CA SER A 18 5.72 -7.83 -22.50
C SER A 18 6.47 -8.40 -21.30
N LEU A 19 7.06 -7.53 -20.54
CA LEU A 19 7.88 -8.00 -19.39
C LEU A 19 6.99 -8.45 -18.23
N ILE A 20 5.79 -7.92 -18.09
CA ILE A 20 4.87 -8.43 -17.02
C ILE A 20 3.60 -8.93 -17.72
N PRO A 21 3.71 -10.10 -18.31
CA PRO A 21 2.58 -10.68 -19.06
C PRO A 21 1.46 -11.06 -18.10
N ASP A 22 1.77 -11.17 -16.83
CA ASP A 22 0.73 -11.53 -15.84
C ASP A 22 -0.30 -10.39 -15.75
N ALA A 23 -1.55 -10.73 -15.65
CA ALA A 23 -2.61 -9.69 -15.57
C ALA A 23 -3.27 -9.72 -14.19
N THR A 24 -2.51 -10.00 -13.16
CA THR A 24 -3.08 -10.05 -11.79
C THR A 24 -2.38 -9.03 -10.88
N HIS A 25 -3.14 -8.21 -10.22
CA HIS A 25 -2.54 -7.18 -9.31
C HIS A 25 -3.19 -7.25 -7.92
N LEU A 26 -3.90 -8.31 -7.62
CA LEU A 26 -4.57 -8.43 -6.29
C LEU A 26 -3.97 -9.59 -5.49
N GLY A 27 -4.03 -10.78 -6.03
CA GLY A 27 -3.46 -11.94 -5.29
C GLY A 27 -4.55 -13.00 -5.05
N PRO A 28 -4.12 -14.24 -4.90
CA PRO A 28 -5.10 -15.34 -4.64
C PRO A 28 -5.66 -15.23 -3.22
N GLN A 29 -6.73 -15.93 -2.93
CA GLN A 29 -7.32 -15.85 -1.56
C GLN A 29 -6.69 -16.92 -0.66
N PHE A 30 -5.39 -17.04 -0.70
CA PHE A 30 -4.70 -18.04 0.17
C PHE A 30 -3.42 -17.42 0.71
N CYS A 31 -3.25 -17.38 2.01
CA CYS A 31 -2.01 -16.77 2.58
C CYS A 31 -0.82 -17.67 2.30
N LYS A 32 0.14 -17.18 1.57
CA LYS A 32 1.34 -18.00 1.25
C LYS A 32 2.51 -17.64 2.18
N SER A 33 2.36 -16.59 2.98
CA SER A 33 3.49 -16.19 3.88
C SER A 33 3.61 -17.14 5.08
N CYS A 34 2.63 -17.16 5.97
CA CYS A 34 2.73 -18.07 7.15
C CYS A 34 2.31 -19.51 6.78
N TRP A 35 1.26 -19.68 6.01
CA TRP A 35 0.78 -21.06 5.62
C TRP A 35 -0.55 -20.96 4.86
N PHE A 36 -0.97 -22.03 4.24
CA PHE A 36 -2.26 -22.02 3.49
C PHE A 36 -3.44 -22.11 4.47
N GLU A 37 -4.30 -21.12 4.49
CA GLU A 37 -5.47 -21.15 5.43
C GLU A 37 -6.46 -20.02 5.08
N ASN A 38 -7.72 -20.20 5.39
CA ASN A 38 -8.74 -19.16 5.10
C ASN A 38 -9.49 -18.76 6.38
N LYS A 39 -8.92 -19.05 7.53
CA LYS A 39 -9.59 -18.72 8.83
C LYS A 39 -9.70 -17.20 9.01
N GLY A 40 -8.68 -16.46 8.67
CA GLY A 40 -8.73 -14.98 8.83
C GLY A 40 -7.87 -14.32 7.76
N LEU A 41 -8.13 -14.61 6.52
CA LEU A 41 -7.31 -14.02 5.41
C LEU A 41 -7.74 -12.57 5.14
N VAL A 42 -6.78 -11.69 4.99
CA VAL A 42 -7.09 -10.26 4.70
C VAL A 42 -6.37 -9.89 3.41
N GLU A 43 -7.04 -9.26 2.48
CA GLU A 43 -6.36 -8.92 1.19
C GLU A 43 -5.73 -7.52 1.21
N CYS A 44 -4.43 -7.46 1.23
CA CYS A 44 -3.73 -6.14 1.16
C CYS A 44 -4.03 -5.57 -0.22
N ASN A 45 -3.68 -4.33 -0.51
CA ASN A 45 -4.01 -3.79 -1.87
C ASN A 45 -3.45 -4.72 -2.97
N ASN A 46 -2.15 -4.78 -3.12
CA ASN A 46 -1.54 -5.69 -4.14
C ASN A 46 -0.87 -6.90 -3.47
N HIS A 47 -1.36 -7.32 -2.31
CA HIS A 47 -0.72 -8.46 -1.59
C HIS A 47 -1.74 -9.18 -0.68
N TYR A 48 -1.52 -10.44 -0.38
CA TYR A 48 -2.49 -11.18 0.51
C TYR A 48 -1.82 -11.68 1.79
N LEU A 49 -2.35 -11.28 2.92
CA LEU A 49 -1.81 -11.74 4.24
C LEU A 49 -2.99 -11.99 5.18
N CYS A 50 -2.94 -12.99 6.03
CA CYS A 50 -4.08 -13.24 6.94
C CYS A 50 -3.84 -12.57 8.29
N LEU A 51 -4.89 -12.35 9.02
CA LEU A 51 -4.75 -11.67 10.34
C LEU A 51 -3.84 -12.45 11.27
N ASN A 52 -3.91 -13.75 11.22
CA ASN A 52 -3.08 -14.57 12.15
C ASN A 52 -1.59 -14.15 12.11
N CYS A 53 -1.03 -14.02 10.94
CA CYS A 53 0.41 -13.59 10.85
C CYS A 53 0.49 -12.06 10.78
N LEU A 54 -0.56 -11.42 10.30
CA LEU A 54 -0.57 -9.93 10.20
C LEU A 54 -0.32 -9.31 11.58
N THR A 55 -0.95 -9.85 12.59
CA THR A 55 -0.75 -9.29 13.97
C THR A 55 0.70 -9.46 14.42
N LEU A 56 1.31 -10.58 14.13
CA LEU A 56 2.73 -10.80 14.55
C LEU A 56 3.64 -9.72 13.94
N LEU A 57 3.44 -9.41 12.69
CA LEU A 57 4.27 -8.35 12.03
C LEU A 57 3.47 -7.05 11.90
N LEU A 58 2.31 -6.96 12.51
CA LEU A 58 1.45 -5.74 12.37
C LEU A 58 1.06 -5.58 10.89
N SER A 59 -0.02 -4.90 10.59
CA SER A 59 -0.39 -4.73 9.15
C SER A 59 0.72 -3.91 8.50
N VAL A 60 0.99 -2.75 9.04
CA VAL A 60 2.10 -1.91 8.55
C VAL A 60 2.64 -1.05 9.69
N SER A 61 3.19 -1.66 10.73
CA SER A 61 3.72 -0.85 11.88
C SER A 61 4.68 0.22 11.35
N ASN A 62 5.48 -0.15 10.41
CA ASN A 62 6.42 0.82 9.77
C ASN A 62 6.25 0.74 8.26
N ARG A 63 6.25 -0.47 7.74
CA ARG A 63 6.09 -0.66 6.26
C ARG A 63 5.59 -2.07 5.93
N CYS A 64 4.88 -2.24 4.84
CA CYS A 64 4.43 -3.61 4.45
C CYS A 64 5.57 -4.26 3.65
N PRO A 65 6.21 -5.26 4.21
CA PRO A 65 7.37 -5.89 3.52
C PRO A 65 6.96 -6.61 2.23
N ILE A 66 5.80 -7.18 2.17
CA ILE A 66 5.39 -7.90 0.92
C ILE A 66 5.08 -6.92 -0.21
N CYS A 67 4.35 -5.86 0.07
CA CYS A 67 4.06 -4.86 -0.99
C CYS A 67 5.35 -4.23 -1.51
N LYS A 68 6.42 -4.36 -0.74
CA LYS A 68 7.75 -3.78 -1.18
C LYS A 68 7.62 -2.28 -1.39
N MET A 69 6.69 -1.64 -0.74
CA MET A 69 6.53 -0.17 -0.91
C MET A 69 6.37 0.54 0.44
N PRO A 70 7.07 1.64 0.63
CA PRO A 70 6.98 2.38 1.90
C PRO A 70 5.70 3.23 1.97
N LEU A 71 5.25 3.54 3.16
CA LEU A 71 4.02 4.36 3.31
C LEU A 71 4.17 5.29 4.53
N PRO A 72 5.03 6.28 4.40
CA PRO A 72 5.26 7.23 5.52
C PRO A 72 4.00 8.07 5.78
N THR A 73 3.12 8.15 4.81
CA THR A 73 1.87 8.95 5.00
C THR A 73 0.91 8.23 5.95
N LYS A 74 -0.08 8.92 6.45
CA LYS A 74 -1.05 8.27 7.37
C LYS A 74 -2.49 8.60 6.96
N LEU A 75 -3.41 7.75 7.31
CA LEU A 75 -4.84 8.00 6.94
C LEU A 75 -5.57 8.69 8.09
N ARG A 76 -6.19 9.80 7.83
CA ARG A 76 -6.92 10.53 8.91
C ARG A 76 -8.01 9.63 9.54
N PRO A 77 -8.37 9.93 10.77
CA PRO A 77 -9.41 9.14 11.45
C PRO A 77 -10.80 9.39 10.84
N SER A 78 -10.96 10.46 10.10
CA SER A 78 -12.28 10.79 9.48
C SER A 78 -13.39 10.83 10.54
N ALA A 79 -13.06 11.31 11.71
CA ALA A 79 -14.07 11.39 12.81
C ALA A 79 -13.88 12.68 13.62
N ALA A 80 -14.95 13.23 14.12
CA ALA A 80 -14.84 14.49 14.93
C ALA A 80 -16.02 14.58 15.91
N PRO A 81 -15.92 13.90 17.02
CA PRO A 81 -17.02 13.93 18.03
C PRO A 81 -17.09 15.30 18.70
N THR A 82 -16.02 16.06 18.66
CA THR A 82 -16.02 17.41 19.29
C THR A 82 -15.65 18.47 18.26
N ALA A 83 -16.45 19.49 18.13
CA ALA A 83 -16.14 20.57 17.14
C ALA A 83 -17.02 21.80 17.43
N PRO A 84 -16.83 22.39 18.60
CA PRO A 84 -17.63 23.59 18.97
C PRO A 84 -17.16 24.82 18.18
N PRO A 85 -18.07 25.76 17.97
CA PRO A 85 -17.72 26.99 17.23
C PRO A 85 -16.81 27.89 18.07
N THR A 86 -16.01 28.70 17.44
CA THR A 86 -15.09 29.60 18.19
C THR A 86 -14.93 30.92 17.42
N GLY A 87 -14.56 31.97 18.11
CA GLY A 87 -14.37 33.29 17.43
C GLY A 87 -13.71 34.28 18.39
N ALA A 88 -14.11 34.27 19.65
CA ALA A 88 -13.51 35.22 20.64
C ALA A 88 -13.62 36.66 20.14
N ALA A 89 -14.78 37.06 19.69
CA ALA A 89 -14.95 38.46 19.18
C ALA A 89 -14.68 39.45 20.31
N ASP A 90 -15.08 39.13 21.51
CA ASP A 90 -14.86 40.07 22.65
C ASP A 90 -13.36 40.14 22.98
N SER A 91 -12.79 41.31 22.91
CA SER A 91 -11.33 41.45 23.23
C SER A 91 -11.11 41.26 24.73
N ILE A 92 -10.03 40.62 25.10
CA ILE A 92 -9.75 40.41 26.55
C ILE A 92 -8.30 40.79 26.87
N ARG A 93 -8.08 41.41 27.99
CA ARG A 93 -6.69 41.83 28.37
C ARG A 93 -6.70 42.49 29.76
N PRO A 94 -7.46 43.56 29.91
CA PRO A 94 -7.52 44.26 31.21
C PRO A 94 -8.33 43.44 32.23
N PRO A 95 -8.09 43.68 33.50
CA PRO A 95 -8.83 42.94 34.56
C PRO A 95 -10.28 43.43 34.65
N PRO A 96 -11.16 42.58 35.13
CA PRO A 96 -12.58 42.96 35.27
C PRO A 96 -12.75 43.96 36.41
N TYR A 97 -13.72 44.83 36.32
CA TYR A 97 -13.94 45.83 37.40
C TYR A 97 -14.30 45.12 38.71
N SER A 98 -15.14 44.11 38.63
CA SER A 98 -15.57 43.36 39.86
C SER A 98 -16.10 44.33 40.92
N PRO A 99 -17.34 44.75 40.75
CA PRO A 99 -17.95 45.71 41.70
C PRO A 99 -18.31 44.99 43.02
N MET A 1 16.68 -51.61 -19.04
CA MET A 1 17.15 -51.56 -17.63
C MET A 1 15.97 -51.67 -16.66
N GLY A 2 15.83 -52.79 -16.01
CA GLY A 2 14.69 -52.97 -15.06
C GLY A 2 13.41 -53.24 -15.84
N ASN A 3 12.29 -53.35 -15.16
CA ASN A 3 11.01 -53.62 -15.85
C ASN A 3 10.16 -52.35 -15.89
N LYS A 4 9.64 -51.99 -17.04
CA LYS A 4 8.81 -50.76 -17.14
C LYS A 4 7.35 -51.05 -16.72
N GLN A 5 6.96 -52.30 -16.72
CA GLN A 5 5.56 -52.64 -16.32
C GLN A 5 5.49 -52.98 -14.82
N ALA A 6 6.62 -53.03 -14.15
CA ALA A 6 6.62 -53.36 -12.70
C ALA A 6 7.29 -52.24 -11.90
N LYS A 7 6.51 -51.37 -11.31
CA LYS A 7 7.10 -50.24 -10.51
C LYS A 7 8.13 -49.46 -11.34
N ALA A 8 7.68 -48.51 -12.13
CA ALA A 8 8.63 -47.73 -12.98
C ALA A 8 8.93 -46.37 -12.34
N PRO A 9 9.96 -45.71 -12.85
CA PRO A 9 10.34 -44.39 -12.30
C PRO A 9 9.30 -43.33 -12.70
N GLU A 10 9.16 -42.29 -11.92
CA GLU A 10 8.17 -41.22 -12.25
C GLU A 10 8.86 -39.85 -12.26
N SER A 11 8.54 -39.03 -13.23
CA SER A 11 9.16 -37.68 -13.30
C SER A 11 8.10 -36.63 -13.67
N LYS A 12 8.20 -35.46 -13.13
CA LYS A 12 7.20 -34.38 -13.44
C LYS A 12 7.61 -33.64 -14.71
N ASP A 13 7.16 -34.10 -15.85
CA ASP A 13 7.50 -33.42 -17.13
C ASP A 13 6.67 -32.13 -17.28
N SER A 14 7.27 -31.09 -17.80
CA SER A 14 6.53 -29.79 -17.98
C SER A 14 5.88 -29.35 -16.65
N PRO A 15 6.63 -28.59 -15.87
CA PRO A 15 6.11 -28.13 -14.55
C PRO A 15 5.01 -27.07 -14.74
N ARG A 16 4.13 -26.93 -13.78
CA ARG A 16 3.05 -25.92 -13.90
C ARG A 16 3.60 -24.52 -13.61
N ALA A 17 3.12 -23.53 -14.31
CA ALA A 17 3.61 -22.14 -14.08
C ALA A 17 2.43 -21.15 -14.11
N SER A 18 2.39 -20.23 -13.18
CA SER A 18 1.28 -19.23 -13.16
C SER A 18 1.81 -17.84 -13.57
N LEU A 19 2.57 -17.21 -12.72
CA LEU A 19 3.12 -15.86 -13.06
C LEU A 19 4.66 -15.92 -13.14
N ILE A 20 5.23 -15.45 -14.21
CA ILE A 20 6.71 -15.47 -14.34
C ILE A 20 7.32 -14.47 -13.31
N PRO A 21 6.90 -13.23 -13.40
CA PRO A 21 7.42 -12.20 -12.47
C PRO A 21 6.83 -12.38 -11.07
N ASP A 22 7.52 -11.91 -10.06
CA ASP A 22 7.00 -12.03 -8.67
C ASP A 22 5.77 -11.14 -8.49
N ALA A 23 5.62 -10.12 -9.30
CA ALA A 23 4.43 -9.23 -9.18
C ALA A 23 3.16 -10.01 -9.50
N THR A 24 2.07 -9.67 -8.85
CA THR A 24 0.80 -10.40 -9.11
C THR A 24 -0.38 -9.42 -9.13
N HIS A 25 -1.45 -9.80 -9.78
CA HIS A 25 -2.64 -8.91 -9.84
C HIS A 25 -3.67 -9.32 -8.80
N LEU A 26 -4.72 -8.55 -8.65
CA LEU A 26 -5.76 -8.89 -7.64
C LEU A 26 -6.66 -10.02 -8.19
N GLY A 27 -6.40 -11.23 -7.79
CA GLY A 27 -7.23 -12.37 -8.28
C GLY A 27 -7.45 -13.39 -7.15
N PRO A 28 -6.51 -14.30 -6.99
CA PRO A 28 -6.64 -15.33 -5.92
C PRO A 28 -6.48 -14.69 -4.55
N GLN A 29 -7.09 -15.27 -3.54
CA GLN A 29 -6.97 -14.70 -2.16
C GLN A 29 -6.61 -15.79 -1.16
N PHE A 30 -5.37 -16.18 -1.13
CA PHE A 30 -4.92 -17.23 -0.17
C PHE A 30 -3.60 -16.80 0.46
N CYS A 31 -3.46 -16.97 1.75
CA CYS A 31 -2.17 -16.57 2.40
C CYS A 31 -1.12 -17.65 2.14
N LYS A 32 -0.08 -17.31 1.42
CA LYS A 32 0.98 -18.31 1.13
C LYS A 32 2.18 -18.10 2.05
N SER A 33 2.19 -17.04 2.85
CA SER A 33 3.36 -16.79 3.74
C SER A 33 3.36 -17.74 4.94
N CYS A 34 2.36 -17.69 5.80
CA CYS A 34 2.35 -18.61 6.97
C CYS A 34 1.88 -20.03 6.59
N TRP A 35 0.87 -20.14 5.77
CA TRP A 35 0.34 -21.50 5.36
C TRP A 35 -0.95 -21.34 4.55
N PHE A 36 -1.43 -22.40 3.94
CA PHE A 36 -2.69 -22.31 3.14
C PHE A 36 -3.92 -22.39 4.05
N GLU A 37 -4.35 -21.29 4.62
CA GLU A 37 -5.55 -21.31 5.51
C GLU A 37 -6.40 -20.05 5.28
N ASN A 38 -7.68 -20.12 5.57
CA ASN A 38 -8.57 -18.94 5.37
C ASN A 38 -9.24 -18.56 6.70
N LYS A 39 -8.60 -18.86 7.81
CA LYS A 39 -9.20 -18.53 9.14
C LYS A 39 -9.37 -17.00 9.30
N GLY A 40 -8.40 -16.24 8.88
CA GLY A 40 -8.51 -14.75 9.02
C GLY A 40 -7.69 -14.09 7.91
N LEU A 41 -7.97 -14.44 6.67
CA LEU A 41 -7.20 -13.84 5.54
C LEU A 41 -7.54 -12.36 5.37
N VAL A 42 -6.54 -11.55 5.13
CA VAL A 42 -6.76 -10.09 4.93
C VAL A 42 -6.13 -9.71 3.60
N GLU A 43 -6.84 -9.01 2.76
CA GLU A 43 -6.27 -8.67 1.42
C GLU A 43 -5.56 -7.32 1.42
N CYS A 44 -4.24 -7.35 1.39
CA CYS A 44 -3.46 -6.07 1.29
C CYS A 44 -3.78 -5.48 -0.09
N ASN A 45 -3.36 -4.29 -0.41
CA ASN A 45 -3.71 -3.74 -1.77
C ASN A 45 -3.28 -4.73 -2.86
N ASN A 46 -1.99 -4.90 -3.08
CA ASN A 46 -1.51 -5.88 -4.10
C ASN A 46 -0.85 -7.09 -3.42
N HIS A 47 -1.28 -7.44 -2.23
CA HIS A 47 -0.64 -8.58 -1.50
C HIS A 47 -1.68 -9.28 -0.58
N TYR A 48 -1.54 -10.57 -0.34
CA TYR A 48 -2.54 -11.28 0.55
C TYR A 48 -1.87 -11.83 1.81
N LEU A 49 -2.33 -11.41 2.96
CA LEU A 49 -1.79 -11.93 4.25
C LEU A 49 -2.95 -12.08 5.22
N CYS A 50 -2.91 -13.03 6.14
CA CYS A 50 -4.05 -13.18 7.09
C CYS A 50 -3.73 -12.54 8.43
N LEU A 51 -4.73 -12.22 9.18
CA LEU A 51 -4.52 -11.56 10.51
C LEU A 51 -3.67 -12.46 11.41
N ASN A 52 -3.69 -13.74 11.17
CA ASN A 52 -2.90 -14.67 12.02
C ASN A 52 -1.40 -14.32 11.97
N CYS A 53 -0.83 -14.21 10.80
CA CYS A 53 0.64 -13.85 10.70
C CYS A 53 0.78 -12.34 10.56
N LEU A 54 -0.20 -11.70 9.97
CA LEU A 54 -0.14 -10.22 9.79
C LEU A 54 -0.03 -9.52 11.14
N THR A 55 -0.78 -9.98 12.11
CA THR A 55 -0.73 -9.34 13.46
C THR A 55 0.69 -9.45 14.05
N LEU A 56 1.31 -10.60 13.93
CA LEU A 56 2.69 -10.76 14.47
C LEU A 56 3.64 -9.78 13.78
N LEU A 57 3.51 -9.63 12.49
CA LEU A 57 4.40 -8.69 11.75
C LEU A 57 3.75 -7.32 11.60
N LEU A 58 2.68 -7.04 12.34
CA LEU A 58 1.96 -5.73 12.20
C LEU A 58 1.41 -5.62 10.77
N SER A 59 0.25 -5.04 10.60
CA SER A 59 -0.28 -4.92 9.20
C SER A 59 0.64 -3.93 8.48
N VAL A 60 0.65 -2.71 8.93
CA VAL A 60 1.55 -1.69 8.35
C VAL A 60 1.92 -0.67 9.43
N SER A 61 2.52 -1.09 10.51
CA SER A 61 2.89 -0.12 11.60
C SER A 61 3.76 0.98 11.01
N ASN A 62 4.72 0.61 10.22
CA ASN A 62 5.59 1.61 9.56
C ASN A 62 5.60 1.33 8.05
N ARG A 63 5.77 0.09 7.69
CA ARG A 63 5.80 -0.27 6.23
C ARG A 63 5.45 -1.76 6.04
N CYS A 64 4.77 -2.10 4.97
CA CYS A 64 4.46 -3.54 4.71
C CYS A 64 5.69 -4.15 4.01
N PRO A 65 6.36 -5.07 4.66
CA PRO A 65 7.60 -5.66 4.08
C PRO A 65 7.32 -6.49 2.82
N ILE A 66 6.20 -7.16 2.76
CA ILE A 66 5.91 -7.99 1.55
C ILE A 66 5.60 -7.11 0.34
N CYS A 67 4.79 -6.09 0.50
CA CYS A 67 4.50 -5.18 -0.65
C CYS A 67 5.79 -4.54 -1.17
N LYS A 68 6.82 -4.53 -0.35
CA LYS A 68 8.13 -3.92 -0.79
C LYS A 68 7.94 -2.46 -1.13
N MET A 69 6.93 -1.82 -0.58
CA MET A 69 6.71 -0.38 -0.89
C MET A 69 6.27 0.39 0.37
N PRO A 70 6.49 1.69 0.35
CA PRO A 70 6.13 2.53 1.52
C PRO A 70 4.61 2.79 1.57
N LEU A 71 4.10 3.05 2.74
CA LEU A 71 2.63 3.31 2.88
C LEU A 71 2.43 4.78 3.31
N PRO A 72 2.68 5.69 2.40
CA PRO A 72 2.51 7.13 2.70
C PRO A 72 1.04 7.48 2.89
N THR A 73 0.76 8.51 3.63
CA THR A 73 -0.65 8.93 3.86
C THR A 73 -0.80 10.42 3.60
N LYS A 74 -1.99 10.89 3.32
CA LYS A 74 -2.19 12.34 3.05
C LYS A 74 -3.30 12.88 3.96
N LEU A 75 -3.18 14.12 4.40
CA LEU A 75 -4.22 14.72 5.29
C LEU A 75 -4.48 13.81 6.50
N ARG A 76 -5.37 14.20 7.38
CA ARG A 76 -5.67 13.35 8.57
C ARG A 76 -7.19 13.31 8.80
N PRO A 77 -7.87 12.59 7.92
CA PRO A 77 -9.34 12.47 8.06
C PRO A 77 -9.70 11.56 9.22
N SER A 78 -10.79 11.82 9.90
CA SER A 78 -11.21 10.97 11.07
C SER A 78 -10.05 10.81 12.06
N ALA A 79 -9.14 11.76 12.09
CA ALA A 79 -7.98 11.67 13.03
C ALA A 79 -8.03 12.81 14.05
N ALA A 80 -8.58 13.94 13.67
CA ALA A 80 -8.66 15.10 14.61
C ALA A 80 -9.98 15.85 14.38
N PRO A 81 -11.06 15.31 14.89
CA PRO A 81 -12.39 15.96 14.73
C PRO A 81 -12.50 17.16 15.65
N THR A 82 -12.73 18.33 15.10
CA THR A 82 -12.87 19.55 15.94
C THR A 82 -14.09 20.36 15.51
N ALA A 83 -14.58 21.21 16.37
CA ALA A 83 -15.79 22.03 16.00
C ALA A 83 -15.38 23.47 15.66
N PRO A 84 -16.20 24.14 14.87
CA PRO A 84 -15.89 25.54 14.48
C PRO A 84 -16.13 26.49 15.66
N PRO A 85 -15.60 27.69 15.55
CA PRO A 85 -15.79 28.69 16.63
C PRO A 85 -17.23 29.20 16.65
N THR A 86 -17.71 29.63 17.79
CA THR A 86 -19.11 30.14 17.87
C THR A 86 -19.14 31.45 18.66
N GLY A 87 -20.07 32.32 18.37
CA GLY A 87 -20.14 33.62 19.10
C GLY A 87 -18.84 34.40 18.90
N ALA A 88 -18.27 34.92 19.95
CA ALA A 88 -16.99 35.69 19.83
C ALA A 88 -17.09 36.76 18.74
N ALA A 89 -18.24 37.38 18.63
CA ALA A 89 -18.44 38.43 17.59
C ALA A 89 -18.88 39.75 18.24
N ASP A 90 -18.68 39.90 19.53
CA ASP A 90 -19.09 41.16 20.21
C ASP A 90 -18.12 42.29 19.86
N SER A 91 -18.61 43.49 19.66
CA SER A 91 -17.72 44.63 19.31
C SER A 91 -16.82 44.27 18.12
N ILE A 92 -17.27 44.56 16.92
CA ILE A 92 -16.45 44.23 15.71
C ILE A 92 -16.08 45.51 14.96
N ARG A 93 -16.06 46.63 15.63
CA ARG A 93 -15.71 47.91 14.95
C ARG A 93 -15.33 48.99 15.97
N PRO A 94 -14.61 49.99 15.52
CA PRO A 94 -14.19 51.08 16.43
C PRO A 94 -15.39 51.98 16.76
N PRO A 95 -15.30 52.69 17.87
CA PRO A 95 -16.40 53.60 18.28
C PRO A 95 -16.44 54.85 17.39
N PRO A 96 -17.59 55.49 17.35
CA PRO A 96 -17.74 56.72 16.53
C PRO A 96 -16.93 57.88 17.14
N TYR A 97 -16.67 57.82 18.41
CA TYR A 97 -15.90 58.93 19.08
C TYR A 97 -14.93 58.33 20.11
N SER A 98 -15.40 57.43 20.93
CA SER A 98 -14.51 56.82 21.96
C SER A 98 -15.14 55.53 22.53
N PRO A 99 -14.29 54.68 23.08
CA PRO A 99 -14.78 53.41 23.66
C PRO A 99 -15.48 53.66 25.01
N MET A 1 1.78 -22.33 -36.06
CA MET A 1 2.50 -23.59 -35.73
C MET A 1 2.06 -24.11 -34.36
N GLY A 2 2.67 -25.18 -33.90
CA GLY A 2 2.29 -25.75 -32.57
C GLY A 2 0.84 -26.25 -32.63
N ASN A 3 0.04 -25.90 -31.66
CA ASN A 3 -1.38 -26.35 -31.65
C ASN A 3 -2.31 -25.22 -32.09
N LYS A 4 -3.34 -25.54 -32.82
CA LYS A 4 -4.29 -24.48 -33.30
C LYS A 4 -5.55 -24.49 -32.43
N GLN A 5 -6.13 -23.33 -32.19
CA GLN A 5 -7.37 -23.26 -31.36
C GLN A 5 -8.55 -22.80 -32.21
N ALA A 6 -8.77 -23.42 -33.35
CA ALA A 6 -9.90 -23.03 -34.23
C ALA A 6 -11.23 -23.27 -33.50
N LYS A 7 -11.29 -24.26 -32.65
CA LYS A 7 -12.55 -24.56 -31.92
C LYS A 7 -12.97 -23.35 -31.06
N ALA A 8 -12.03 -22.77 -30.34
CA ALA A 8 -12.37 -21.60 -29.48
C ALA A 8 -11.19 -20.61 -29.46
N PRO A 9 -11.02 -19.88 -30.54
CA PRO A 9 -9.90 -18.91 -30.61
C PRO A 9 -10.14 -17.72 -29.68
N GLU A 10 -11.38 -17.48 -29.30
CA GLU A 10 -11.69 -16.34 -28.39
C GLU A 10 -11.03 -16.53 -27.03
N SER A 11 -11.19 -17.69 -26.43
CA SER A 11 -10.57 -17.96 -25.08
C SER A 11 -10.90 -16.82 -24.10
N LYS A 12 -12.01 -16.13 -24.31
CA LYS A 12 -12.39 -15.01 -23.41
C LYS A 12 -13.90 -15.00 -23.15
N ASP A 13 -14.35 -14.23 -22.19
CA ASP A 13 -15.82 -14.16 -21.88
C ASP A 13 -16.36 -15.56 -21.56
N SER A 14 -15.64 -16.29 -20.74
CA SER A 14 -16.08 -17.68 -20.37
C SER A 14 -15.07 -18.30 -19.39
N PRO A 15 -13.83 -18.42 -19.81
CA PRO A 15 -12.79 -19.02 -18.94
C PRO A 15 -12.48 -18.10 -17.74
N ARG A 16 -12.76 -16.84 -17.86
CA ARG A 16 -12.47 -15.89 -16.74
C ARG A 16 -13.74 -15.60 -15.93
N ALA A 17 -14.86 -16.21 -16.29
CA ALA A 17 -16.13 -15.94 -15.55
C ALA A 17 -16.41 -14.43 -15.50
N SER A 18 -17.47 -14.02 -14.88
CA SER A 18 -17.80 -12.57 -14.79
C SER A 18 -18.13 -12.18 -13.36
N LEU A 19 -17.49 -12.79 -12.40
CA LEU A 19 -17.82 -12.45 -10.98
C LEU A 19 -16.81 -11.46 -10.38
N ILE A 20 -15.62 -11.41 -10.90
CA ILE A 20 -14.62 -10.45 -10.38
C ILE A 20 -13.85 -9.85 -11.57
N PRO A 21 -14.59 -9.18 -12.43
CA PRO A 21 -13.99 -8.57 -13.64
C PRO A 21 -13.18 -7.33 -13.24
N ASP A 22 -12.28 -6.91 -14.10
CA ASP A 22 -11.44 -5.71 -13.80
C ASP A 22 -10.73 -5.89 -12.44
N ALA A 23 -10.34 -7.09 -12.13
CA ALA A 23 -9.63 -7.35 -10.84
C ALA A 23 -8.47 -8.32 -11.04
N THR A 24 -7.69 -8.11 -12.08
CA THR A 24 -6.54 -9.02 -12.34
C THR A 24 -5.51 -8.93 -11.21
N HIS A 25 -5.26 -7.73 -10.74
CA HIS A 25 -4.28 -7.56 -9.62
C HIS A 25 -4.80 -8.22 -8.35
N LEU A 26 -6.07 -8.09 -8.08
CA LEU A 26 -6.65 -8.71 -6.85
C LEU A 26 -7.65 -9.81 -7.25
N GLY A 27 -7.27 -11.05 -7.13
CA GLY A 27 -8.19 -12.17 -7.49
C GLY A 27 -8.22 -13.19 -6.35
N PRO A 28 -7.35 -14.18 -6.43
CA PRO A 28 -7.32 -15.22 -5.37
C PRO A 28 -6.76 -14.64 -4.08
N GLN A 29 -7.27 -15.08 -2.96
CA GLN A 29 -6.76 -14.55 -1.66
C GLN A 29 -6.36 -15.71 -0.74
N PHE A 30 -5.11 -16.06 -0.76
CA PHE A 30 -4.60 -17.15 0.11
C PHE A 30 -3.26 -16.73 0.73
N CYS A 31 -3.06 -16.97 2.00
CA CYS A 31 -1.77 -16.56 2.63
C CYS A 31 -0.68 -17.57 2.27
N LYS A 32 0.28 -17.16 1.48
CA LYS A 32 1.37 -18.09 1.08
C LYS A 32 2.58 -17.90 2.00
N SER A 33 2.58 -16.89 2.85
CA SER A 33 3.75 -16.67 3.75
C SER A 33 3.78 -17.69 4.89
N CYS A 34 2.81 -17.66 5.78
CA CYS A 34 2.81 -18.65 6.91
C CYS A 34 2.24 -20.02 6.47
N TRP A 35 1.16 -20.04 5.73
CA TRP A 35 0.54 -21.34 5.27
C TRP A 35 -0.80 -21.08 4.60
N PHE A 36 -1.36 -22.06 3.95
CA PHE A 36 -2.69 -21.88 3.28
C PHE A 36 -3.82 -21.91 4.32
N GLU A 37 -4.62 -20.87 4.37
CA GLU A 37 -5.74 -20.84 5.37
C GLU A 37 -6.72 -19.69 5.06
N ASN A 38 -7.98 -20.00 4.91
CA ASN A 38 -9.00 -18.95 4.63
C ASN A 38 -9.84 -18.65 5.87
N LYS A 39 -9.39 -19.10 7.02
CA LYS A 39 -10.16 -18.86 8.28
C LYS A 39 -10.30 -17.36 8.57
N GLY A 40 -9.24 -16.61 8.45
CA GLY A 40 -9.31 -15.14 8.72
C GLY A 40 -8.24 -14.42 7.91
N LEU A 41 -8.24 -14.61 6.62
CA LEU A 41 -7.21 -13.96 5.76
C LEU A 41 -7.52 -12.46 5.59
N VAL A 42 -6.48 -11.67 5.45
CA VAL A 42 -6.66 -10.21 5.25
C VAL A 42 -6.06 -9.84 3.89
N GLU A 43 -6.81 -9.19 3.05
CA GLU A 43 -6.27 -8.85 1.69
C GLU A 43 -5.63 -7.47 1.61
N CYS A 44 -4.33 -7.43 1.49
CA CYS A 44 -3.62 -6.13 1.30
C CYS A 44 -4.01 -5.65 -0.10
N ASN A 45 -3.67 -4.45 -0.51
CA ASN A 45 -4.07 -4.01 -1.88
C ASN A 45 -3.59 -5.04 -2.93
N ASN A 46 -2.31 -5.11 -3.17
CA ASN A 46 -1.77 -6.12 -4.13
C ASN A 46 -1.04 -7.24 -3.39
N HIS A 47 -1.43 -7.53 -2.17
CA HIS A 47 -0.71 -8.59 -1.39
C HIS A 47 -1.69 -9.30 -0.41
N TYR A 48 -1.46 -10.56 -0.08
CA TYR A 48 -2.41 -11.27 0.84
C TYR A 48 -1.72 -11.80 2.11
N LEU A 49 -2.24 -11.46 3.26
CA LEU A 49 -1.69 -11.99 4.56
C LEU A 49 -2.87 -12.25 5.50
N CYS A 50 -2.73 -13.17 6.44
CA CYS A 50 -3.87 -13.44 7.36
C CYS A 50 -3.62 -12.76 8.70
N LEU A 51 -4.68 -12.48 9.42
CA LEU A 51 -4.55 -11.78 10.73
C LEU A 51 -3.67 -12.58 11.68
N ASN A 52 -3.61 -13.87 11.52
CA ASN A 52 -2.78 -14.71 12.45
C ASN A 52 -1.31 -14.27 12.39
N CYS A 53 -0.73 -14.18 11.21
CA CYS A 53 0.70 -13.73 11.12
C CYS A 53 0.77 -12.22 10.91
N LEU A 54 -0.25 -11.66 10.31
CA LEU A 54 -0.26 -10.19 10.05
C LEU A 54 -0.19 -9.42 11.36
N THR A 55 -0.92 -9.86 12.35
CA THR A 55 -0.90 -9.17 13.68
C THR A 55 0.51 -9.24 14.28
N LEU A 56 1.16 -10.36 14.18
CA LEU A 56 2.54 -10.49 14.76
C LEU A 56 3.47 -9.46 14.11
N LEU A 57 3.40 -9.29 12.82
CA LEU A 57 4.26 -8.28 12.14
C LEU A 57 3.47 -7.00 11.85
N LEU A 58 2.26 -6.89 12.36
CA LEU A 58 1.41 -5.68 12.06
C LEU A 58 1.15 -5.62 10.56
N SER A 59 0.10 -4.97 10.14
CA SER A 59 -0.15 -4.89 8.66
C SER A 59 0.93 -3.99 8.08
N VAL A 60 0.98 -2.77 8.54
CA VAL A 60 2.02 -1.82 8.08
C VAL A 60 2.37 -0.86 9.23
N SER A 61 2.81 -1.37 10.36
CA SER A 61 3.17 -0.46 11.51
C SER A 61 4.14 0.61 11.02
N ASN A 62 5.09 0.22 10.24
CA ASN A 62 6.06 1.18 9.66
C ASN A 62 6.05 1.00 8.14
N ARG A 63 6.14 -0.23 7.69
CA ARG A 63 6.13 -0.50 6.23
C ARG A 63 5.70 -1.95 5.94
N CYS A 64 4.98 -2.17 4.86
CA CYS A 64 4.57 -3.56 4.50
C CYS A 64 5.75 -4.19 3.73
N PRO A 65 6.41 -5.15 4.33
CA PRO A 65 7.60 -5.76 3.68
C PRO A 65 7.25 -6.52 2.41
N ILE A 66 6.10 -7.15 2.34
CA ILE A 66 5.73 -7.91 1.10
C ILE A 66 5.38 -6.97 -0.04
N CYS A 67 4.61 -5.94 0.22
CA CYS A 67 4.28 -4.97 -0.88
C CYS A 67 5.55 -4.28 -1.37
N LYS A 68 6.62 -4.34 -0.61
CA LYS A 68 7.91 -3.70 -1.01
C LYS A 68 7.70 -2.22 -1.32
N MET A 69 6.75 -1.60 -0.67
CA MET A 69 6.50 -0.16 -0.93
C MET A 69 6.26 0.61 0.39
N PRO A 70 6.77 1.82 0.46
CA PRO A 70 6.62 2.64 1.68
C PRO A 70 5.24 3.30 1.73
N LEU A 71 4.78 3.65 2.90
CA LEU A 71 3.45 4.31 3.05
C LEU A 71 3.53 5.38 4.15
N PRO A 72 4.41 6.34 3.97
CA PRO A 72 4.57 7.42 4.98
C PRO A 72 3.32 8.30 5.02
N THR A 73 2.51 8.27 4.00
CA THR A 73 1.27 9.10 3.97
C THR A 73 0.35 8.69 5.13
N LYS A 74 -0.82 9.27 5.22
CA LYS A 74 -1.77 8.92 6.32
C LYS A 74 -1.08 9.04 7.68
N LEU A 75 -0.06 9.85 7.78
CA LEU A 75 0.66 10.02 9.08
C LEU A 75 0.61 11.48 9.52
N ARG A 76 0.11 11.74 10.69
CA ARG A 76 0.04 13.15 11.19
C ARG A 76 -0.28 13.17 12.68
N PRO A 77 0.73 13.01 13.51
CA PRO A 77 0.51 13.01 14.97
C PRO A 77 0.24 14.43 15.47
N SER A 78 -0.52 14.56 16.54
CA SER A 78 -0.82 15.92 17.07
C SER A 78 0.41 16.48 17.78
N ALA A 79 0.67 17.75 17.60
CA ALA A 79 1.86 18.39 18.26
C ALA A 79 1.76 19.92 18.15
N ALA A 80 2.36 20.62 19.07
CA ALA A 80 2.30 22.12 19.01
C ALA A 80 3.44 22.73 19.86
N PRO A 81 4.13 23.70 19.31
CA PRO A 81 5.24 24.35 20.07
C PRO A 81 4.68 25.28 21.15
N THR A 82 5.41 25.47 22.22
CA THR A 82 4.94 26.37 23.30
C THR A 82 5.23 27.83 22.94
N ALA A 83 4.63 28.77 23.64
CA ALA A 83 4.87 30.21 23.32
C ALA A 83 6.19 30.67 23.96
N PRO A 84 6.79 31.68 23.35
CA PRO A 84 8.08 32.20 23.89
C PRO A 84 7.84 33.03 25.15
N PRO A 85 8.88 33.20 25.95
CA PRO A 85 8.76 33.99 27.20
C PRO A 85 8.65 35.49 26.87
N THR A 86 8.04 36.26 27.74
CA THR A 86 7.91 37.72 27.49
C THR A 86 8.04 38.49 28.81
N GLY A 87 8.43 39.74 28.74
CA GLY A 87 8.58 40.55 30.00
C GLY A 87 8.50 42.04 29.65
N ALA A 88 9.63 42.65 29.41
CA ALA A 88 9.63 44.11 29.07
C ALA A 88 9.25 44.31 27.60
N ALA A 89 7.97 44.29 27.30
CA ALA A 89 7.52 44.48 25.89
C ALA A 89 7.91 45.87 25.39
N ASP A 90 7.82 46.86 26.25
CA ASP A 90 8.19 48.24 25.84
C ASP A 90 9.68 48.47 26.00
N SER A 91 10.39 48.69 24.93
CA SER A 91 11.86 48.92 25.01
C SER A 91 12.12 50.30 25.60
N ILE A 92 13.24 50.47 26.27
CA ILE A 92 13.57 51.80 26.87
C ILE A 92 14.65 52.49 26.04
N ARG A 93 14.42 53.71 25.64
CA ARG A 93 15.44 54.44 24.83
C ARG A 93 15.72 55.82 25.45
N PRO A 94 16.96 56.06 25.84
CA PRO A 94 17.31 57.37 26.45
C PRO A 94 17.31 58.48 25.38
N PRO A 95 17.30 59.72 25.84
CA PRO A 95 17.31 60.86 24.89
C PRO A 95 18.70 61.04 24.26
N PRO A 96 18.74 61.67 23.10
CA PRO A 96 20.03 61.91 22.41
C PRO A 96 20.89 62.91 23.18
N TYR A 97 20.28 63.73 24.00
CA TYR A 97 21.06 64.74 24.78
C TYR A 97 21.06 64.37 26.26
N SER A 98 22.18 64.49 26.91
CA SER A 98 22.25 64.15 28.36
C SER A 98 22.05 65.41 29.23
N PRO A 99 21.54 65.20 30.43
CA PRO A 99 21.31 66.34 31.34
C PRO A 99 22.64 66.84 31.93
N MET A 1 3.17 -23.79 -63.53
CA MET A 1 2.80 -24.90 -62.60
C MET A 1 2.39 -24.34 -61.23
N GLY A 2 1.97 -25.20 -60.33
CA GLY A 2 1.55 -24.73 -58.99
C GLY A 2 2.80 -24.42 -58.15
N ASN A 3 2.62 -23.82 -56.99
CA ASN A 3 3.79 -23.49 -56.13
C ASN A 3 4.08 -24.66 -55.18
N LYS A 4 5.16 -25.37 -55.40
CA LYS A 4 5.50 -26.53 -54.51
C LYS A 4 5.76 -26.05 -53.08
N GLN A 5 6.51 -24.99 -52.92
CA GLN A 5 6.81 -24.46 -51.55
C GLN A 5 5.98 -23.22 -51.26
N ALA A 6 5.42 -23.13 -50.09
CA ALA A 6 4.59 -21.93 -49.73
C ALA A 6 5.49 -20.73 -49.46
N LYS A 7 5.79 -19.96 -50.47
CA LYS A 7 6.67 -18.77 -50.28
C LYS A 7 6.01 -17.78 -49.33
N ALA A 8 4.74 -17.51 -49.51
CA ALA A 8 4.03 -16.55 -48.62
C ALA A 8 3.92 -17.13 -47.20
N PRO A 9 3.67 -16.27 -46.24
CA PRO A 9 3.54 -16.72 -44.83
C PRO A 9 2.27 -17.56 -44.65
N GLU A 10 1.30 -17.42 -45.53
CA GLU A 10 0.03 -18.21 -45.41
C GLU A 10 -0.59 -18.00 -44.01
N SER A 11 -0.25 -18.84 -43.05
CA SER A 11 -0.82 -18.68 -41.68
C SER A 11 -0.28 -17.40 -41.05
N LYS A 12 -1.11 -16.69 -40.32
CA LYS A 12 -0.66 -15.42 -39.68
C LYS A 12 0.03 -15.73 -38.35
N ASP A 13 1.09 -15.01 -38.05
CA ASP A 13 1.81 -15.24 -36.76
C ASP A 13 0.89 -14.95 -35.58
N SER A 14 0.08 -13.91 -35.68
CA SER A 14 -0.83 -13.54 -34.56
C SER A 14 -0.02 -13.34 -33.27
N PRO A 15 0.80 -12.31 -33.26
CA PRO A 15 1.66 -12.04 -32.08
C PRO A 15 0.82 -11.56 -30.89
N ARG A 16 -0.37 -11.06 -31.14
CA ARG A 16 -1.23 -10.56 -30.01
C ARG A 16 -0.46 -9.56 -29.15
N ALA A 17 -0.46 -8.31 -29.54
CA ALA A 17 0.28 -7.27 -28.75
C ALA A 17 -0.41 -7.03 -27.41
N SER A 18 0.33 -6.75 -26.37
CA SER A 18 -0.29 -6.51 -25.02
C SER A 18 -1.28 -7.64 -24.66
N LEU A 19 -0.79 -8.68 -24.02
CA LEU A 19 -1.66 -9.84 -23.66
C LEU A 19 -2.68 -9.45 -22.59
N ILE A 20 -2.25 -8.70 -21.64
CA ILE A 20 -3.19 -8.26 -20.58
C ILE A 20 -3.19 -6.72 -20.55
N PRO A 21 -3.81 -6.12 -21.56
CA PRO A 21 -3.88 -4.63 -21.63
C PRO A 21 -4.99 -4.12 -20.72
N ASP A 22 -4.94 -4.47 -19.46
CA ASP A 22 -5.99 -4.02 -18.50
C ASP A 22 -5.43 -3.97 -17.07
N ALA A 23 -6.18 -3.45 -16.15
CA ALA A 23 -5.69 -3.39 -14.74
C ALA A 23 -5.63 -4.80 -14.16
N THR A 24 -4.68 -5.05 -13.30
CA THR A 24 -4.55 -6.41 -12.70
C THR A 24 -5.17 -6.44 -11.29
N HIS A 25 -6.03 -7.38 -11.03
CA HIS A 25 -6.67 -7.46 -9.69
C HIS A 25 -6.07 -8.63 -8.90
N LEU A 26 -6.31 -8.67 -7.61
CA LEU A 26 -5.75 -9.78 -6.78
C LEU A 26 -6.26 -11.13 -7.29
N GLY A 27 -7.51 -11.44 -7.06
CA GLY A 27 -8.08 -12.73 -7.55
C GLY A 27 -8.19 -13.74 -6.39
N PRO A 28 -7.29 -14.71 -6.36
CA PRO A 28 -7.34 -15.74 -5.29
C PRO A 28 -6.92 -15.12 -3.96
N GLN A 29 -7.42 -15.64 -2.87
CA GLN A 29 -7.04 -15.09 -1.55
C GLN A 29 -6.48 -16.19 -0.64
N PHE A 30 -5.20 -16.43 -0.73
CA PHE A 30 -4.56 -17.46 0.13
C PHE A 30 -3.28 -16.90 0.73
N CYS A 31 -3.09 -17.03 2.02
CA CYS A 31 -1.84 -16.49 2.63
C CYS A 31 -0.66 -17.39 2.29
N LYS A 32 0.34 -16.86 1.65
CA LYS A 32 1.52 -17.68 1.29
C LYS A 32 2.68 -17.43 2.27
N SER A 33 2.56 -16.44 3.14
CA SER A 33 3.66 -16.16 4.10
C SER A 33 3.71 -17.18 5.24
N CYS A 34 2.70 -17.25 6.07
CA CYS A 34 2.74 -18.24 7.19
C CYS A 34 2.33 -19.65 6.72
N TRP A 35 1.28 -19.75 5.92
CA TRP A 35 0.82 -21.10 5.42
C TRP A 35 -0.50 -20.94 4.65
N PHE A 36 -1.00 -22.00 4.08
CA PHE A 36 -2.28 -21.90 3.30
C PHE A 36 -3.48 -22.07 4.24
N GLU A 37 -4.27 -21.03 4.41
CA GLU A 37 -5.46 -21.13 5.30
C GLU A 37 -6.44 -19.98 5.02
N ASN A 38 -7.72 -20.25 5.07
CA ASN A 38 -8.74 -19.17 4.81
C ASN A 38 -9.53 -18.87 6.10
N LYS A 39 -8.97 -19.19 7.24
CA LYS A 39 -9.68 -18.96 8.53
C LYS A 39 -9.94 -17.45 8.76
N GLY A 40 -8.93 -16.64 8.53
CA GLY A 40 -9.11 -15.16 8.75
C GLY A 40 -8.12 -14.40 7.87
N LEU A 41 -8.17 -14.64 6.59
CA LEU A 41 -7.24 -13.94 5.65
C LEU A 41 -7.66 -12.48 5.44
N VAL A 42 -6.69 -11.62 5.28
CA VAL A 42 -6.99 -10.18 5.04
C VAL A 42 -6.33 -9.78 3.72
N GLU A 43 -7.04 -9.09 2.87
CA GLU A 43 -6.44 -8.72 1.55
C GLU A 43 -5.69 -7.39 1.59
N CYS A 44 -4.38 -7.45 1.47
CA CYS A 44 -3.58 -6.19 1.40
C CYS A 44 -3.92 -5.56 0.05
N ASN A 45 -3.49 -4.37 -0.27
CA ASN A 45 -3.87 -3.79 -1.60
C ASN A 45 -3.48 -4.76 -2.74
N ASN A 46 -2.21 -4.91 -3.00
CA ASN A 46 -1.76 -5.86 -4.07
C ASN A 46 -1.10 -7.10 -3.44
N HIS A 47 -1.50 -7.49 -2.26
CA HIS A 47 -0.85 -8.65 -1.57
C HIS A 47 -1.83 -9.30 -0.56
N TYR A 48 -1.62 -10.54 -0.20
CA TYR A 48 -2.56 -11.22 0.77
C TYR A 48 -1.86 -11.52 2.10
N LEU A 49 -2.47 -11.13 3.19
CA LEU A 49 -1.91 -11.45 4.54
C LEU A 49 -3.07 -11.81 5.46
N CYS A 50 -2.89 -12.74 6.36
CA CYS A 50 -4.01 -13.11 7.26
C CYS A 50 -3.78 -12.54 8.66
N LEU A 51 -4.83 -12.26 9.37
CA LEU A 51 -4.71 -11.67 10.74
C LEU A 51 -3.86 -12.58 11.62
N ASN A 52 -3.74 -13.84 11.29
CA ASN A 52 -2.92 -14.76 12.13
C ASN A 52 -1.47 -14.28 12.19
N CYS A 53 -0.84 -14.11 11.05
CA CYS A 53 0.58 -13.62 11.04
C CYS A 53 0.61 -12.09 10.89
N LEU A 54 -0.39 -11.53 10.25
CA LEU A 54 -0.43 -10.06 10.05
C LEU A 54 -0.44 -9.35 11.41
N THR A 55 -1.22 -9.83 12.34
CA THR A 55 -1.26 -9.19 13.69
C THR A 55 0.10 -9.31 14.39
N LEU A 56 0.74 -10.45 14.28
CA LEU A 56 2.07 -10.64 14.95
C LEU A 56 3.06 -9.59 14.42
N LEU A 57 3.11 -9.39 13.13
CA LEU A 57 4.04 -8.36 12.57
C LEU A 57 3.25 -7.10 12.21
N LEU A 58 2.03 -6.95 12.68
CA LEU A 58 1.20 -5.76 12.31
C LEU A 58 0.99 -5.77 10.79
N SER A 59 -0.04 -5.11 10.30
CA SER A 59 -0.23 -5.09 8.82
C SER A 59 0.93 -4.28 8.23
N VAL A 60 1.07 -3.07 8.70
CA VAL A 60 2.20 -2.21 8.25
C VAL A 60 2.62 -1.28 9.40
N SER A 61 3.10 -1.82 10.51
CA SER A 61 3.51 -0.94 11.64
C SER A 61 4.48 0.13 11.13
N ASN A 62 5.35 -0.27 10.24
CA ASN A 62 6.31 0.69 9.64
C ASN A 62 6.19 0.61 8.12
N ARG A 63 6.29 -0.59 7.59
CA ARG A 63 6.18 -0.77 6.11
C ARG A 63 5.79 -2.21 5.76
N CYS A 64 5.04 -2.41 4.70
CA CYS A 64 4.69 -3.80 4.29
C CYS A 64 5.84 -4.33 3.42
N PRO A 65 6.59 -5.30 3.93
CA PRO A 65 7.76 -5.81 3.17
C PRO A 65 7.36 -6.54 1.88
N ILE A 66 6.24 -7.21 1.87
CA ILE A 66 5.82 -7.95 0.64
C ILE A 66 5.37 -6.97 -0.45
N CYS A 67 4.58 -5.97 -0.11
CA CYS A 67 4.14 -4.99 -1.15
C CYS A 67 5.36 -4.27 -1.73
N LYS A 68 6.48 -4.29 -1.03
CA LYS A 68 7.71 -3.61 -1.52
C LYS A 68 7.47 -2.11 -1.69
N MET A 69 6.60 -1.55 -0.88
CA MET A 69 6.33 -0.08 -1.00
C MET A 69 6.35 0.59 0.38
N PRO A 70 6.91 1.79 0.44
CA PRO A 70 7.00 2.52 1.72
C PRO A 70 5.68 3.24 2.04
N LEU A 71 5.42 3.47 3.29
CA LEU A 71 4.16 4.18 3.68
C LEU A 71 4.51 5.36 4.60
N PRO A 72 5.09 6.39 4.02
CA PRO A 72 5.48 7.58 4.82
C PRO A 72 4.24 8.32 5.35
N THR A 73 4.33 8.84 6.54
CA THR A 73 3.17 9.57 7.13
C THR A 73 2.96 10.90 6.41
N LYS A 74 4.03 11.49 5.91
CA LYS A 74 3.92 12.80 5.19
C LYS A 74 3.24 13.85 6.09
N LEU A 75 3.50 13.78 7.37
CA LEU A 75 2.88 14.75 8.32
C LEU A 75 3.97 15.60 8.97
N ARG A 76 3.83 16.90 8.91
CA ARG A 76 4.86 17.80 9.53
C ARG A 76 4.22 18.69 10.59
N PRO A 77 4.99 19.04 11.60
CA PRO A 77 4.48 19.91 12.69
C PRO A 77 4.40 21.36 12.20
N SER A 78 3.52 22.15 12.79
CA SER A 78 3.38 23.57 12.38
C SER A 78 4.46 24.42 13.08
N ALA A 79 4.65 25.63 12.62
CA ALA A 79 5.68 26.52 13.25
C ALA A 79 5.33 26.78 14.72
N ALA A 80 4.06 27.01 15.00
CA ALA A 80 3.62 27.28 16.41
C ALA A 80 4.47 28.40 17.02
N PRO A 81 4.04 29.63 16.82
CA PRO A 81 4.79 30.79 17.36
C PRO A 81 4.63 30.87 18.89
N THR A 82 5.66 31.27 19.58
CA THR A 82 5.57 31.39 21.06
C THR A 82 5.42 32.86 21.47
N ALA A 83 5.80 33.77 20.61
CA ALA A 83 5.69 35.21 20.96
C ALA A 83 5.17 36.02 19.77
N PRO A 84 4.65 37.20 20.05
CA PRO A 84 4.12 38.06 18.97
C PRO A 84 5.27 38.70 18.17
N PRO A 85 4.92 39.34 17.07
CA PRO A 85 5.96 39.99 16.22
C PRO A 85 6.49 41.25 16.90
N THR A 86 7.73 41.58 16.68
CA THR A 86 8.32 42.80 17.30
C THR A 86 8.04 44.02 16.43
N GLY A 87 8.18 45.21 16.98
CA GLY A 87 7.91 46.43 16.19
C GLY A 87 6.46 46.85 16.35
N ALA A 88 6.21 47.95 17.01
CA ALA A 88 4.80 48.41 17.22
C ALA A 88 4.72 49.93 16.99
N ALA A 89 3.71 50.36 16.26
CA ALA A 89 3.56 51.83 16.00
C ALA A 89 3.27 52.57 17.31
N ASP A 90 2.46 51.99 18.16
CA ASP A 90 2.12 52.65 19.45
C ASP A 90 3.36 52.68 20.36
N SER A 91 3.56 53.76 21.06
CA SER A 91 4.74 53.86 21.98
C SER A 91 4.39 54.72 23.19
N ILE A 92 4.89 54.35 24.34
CA ILE A 92 4.59 55.13 25.58
C ILE A 92 5.89 55.66 26.19
N ARG A 93 5.95 56.94 26.47
CA ARG A 93 7.17 57.52 27.07
C ARG A 93 6.88 58.92 27.61
N PRO A 94 6.18 58.97 28.72
CA PRO A 94 5.82 60.29 29.32
C PRO A 94 7.06 60.94 29.96
N PRO A 95 7.02 62.25 30.11
CA PRO A 95 8.16 62.97 30.71
C PRO A 95 8.25 62.72 32.23
N PRO A 96 9.42 62.93 32.78
CA PRO A 96 9.62 62.72 34.24
C PRO A 96 8.86 63.79 35.03
N TYR A 97 8.59 64.93 34.42
CA TYR A 97 7.88 66.03 35.14
C TYR A 97 8.56 66.35 36.46
N SER A 98 9.61 67.14 36.43
CA SER A 98 10.33 67.48 37.69
C SER A 98 10.96 68.88 37.60
N PRO A 99 11.28 69.44 38.74
CA PRO A 99 11.89 70.79 38.78
C PRO A 99 13.36 70.72 38.34
N MET A 1 4.41 -44.81 -43.34
CA MET A 1 4.81 -43.75 -42.38
C MET A 1 4.82 -44.31 -40.95
N GLY A 2 5.98 -44.55 -40.40
CA GLY A 2 6.06 -45.10 -39.01
C GLY A 2 5.97 -43.94 -38.02
N ASN A 3 5.85 -44.25 -36.76
CA ASN A 3 5.75 -43.18 -35.73
C ASN A 3 7.13 -42.91 -35.12
N LYS A 4 7.72 -41.78 -35.44
CA LYS A 4 9.07 -41.45 -34.88
C LYS A 4 8.95 -40.30 -33.88
N GLN A 5 9.69 -40.37 -32.79
CA GLN A 5 9.63 -39.28 -31.76
C GLN A 5 10.99 -38.61 -31.62
N ALA A 6 11.58 -38.20 -32.71
CA ALA A 6 12.91 -37.52 -32.65
C ALA A 6 12.82 -36.22 -31.86
N LYS A 7 11.76 -35.48 -32.03
CA LYS A 7 11.59 -34.20 -31.29
C LYS A 7 10.24 -34.17 -30.58
N ALA A 8 10.24 -33.83 -29.32
CA ALA A 8 8.94 -33.78 -28.57
C ALA A 8 8.73 -32.39 -27.94
N PRO A 9 7.56 -31.81 -28.18
CA PRO A 9 7.27 -30.47 -27.61
C PRO A 9 7.02 -30.58 -26.11
N GLU A 10 7.41 -29.58 -25.36
CA GLU A 10 7.19 -29.63 -23.87
C GLU A 10 6.77 -28.25 -23.36
N SER A 11 5.51 -28.07 -23.07
CA SER A 11 5.04 -26.73 -22.56
C SER A 11 5.49 -25.61 -23.50
N LYS A 12 5.22 -24.38 -23.14
CA LYS A 12 5.64 -23.24 -24.03
C LYS A 12 7.10 -22.88 -23.76
N ASP A 13 7.90 -22.83 -24.80
CA ASP A 13 9.35 -22.50 -24.62
C ASP A 13 9.48 -21.06 -24.13
N SER A 14 8.69 -20.16 -24.65
CA SER A 14 8.78 -18.73 -24.21
C SER A 14 7.40 -18.27 -23.70
N PRO A 15 7.17 -18.44 -22.42
CA PRO A 15 5.87 -18.04 -21.82
C PRO A 15 5.76 -16.51 -21.74
N ARG A 16 4.56 -16.00 -21.72
CA ARG A 16 4.38 -14.52 -21.63
C ARG A 16 3.87 -14.14 -20.23
N ALA A 17 4.44 -13.13 -19.64
CA ALA A 17 4.00 -12.70 -18.28
C ALA A 17 2.55 -12.22 -18.32
N SER A 18 1.63 -13.08 -17.99
CA SER A 18 0.18 -12.70 -17.99
C SER A 18 -0.06 -11.56 -17.00
N LEU A 19 0.59 -11.58 -15.86
CA LEU A 19 0.41 -10.49 -14.85
C LEU A 19 1.03 -9.20 -15.38
N ILE A 20 0.40 -8.09 -15.11
CA ILE A 20 0.96 -6.79 -15.58
C ILE A 20 1.09 -5.80 -14.41
N PRO A 21 1.90 -4.77 -14.58
CA PRO A 21 2.11 -3.76 -13.51
C PRO A 21 0.89 -2.85 -13.41
N ASP A 22 0.97 -1.82 -12.60
CA ASP A 22 -0.17 -0.86 -12.46
C ASP A 22 -1.44 -1.60 -12.03
N ALA A 23 -1.31 -2.51 -11.09
CA ALA A 23 -2.50 -3.28 -10.63
C ALA A 23 -3.11 -2.60 -9.40
N THR A 24 -4.41 -2.51 -9.34
CA THR A 24 -5.08 -1.85 -8.18
C THR A 24 -6.12 -2.78 -7.56
N HIS A 25 -5.96 -4.06 -7.70
CA HIS A 25 -6.95 -5.02 -7.14
C HIS A 25 -6.24 -6.29 -6.65
N LEU A 26 -6.89 -7.07 -5.84
CA LEU A 26 -6.26 -8.32 -5.34
C LEU A 26 -7.32 -9.31 -4.85
N GLY A 27 -8.13 -8.90 -3.90
CA GLY A 27 -9.20 -9.78 -3.39
C GLY A 27 -8.59 -10.84 -2.42
N PRO A 28 -9.29 -11.12 -1.34
CA PRO A 28 -8.79 -12.12 -0.36
C PRO A 28 -8.96 -13.52 -0.93
N GLN A 29 -7.98 -14.36 -0.74
CA GLN A 29 -8.06 -15.76 -1.29
C GLN A 29 -7.32 -16.73 -0.35
N PHE A 30 -6.02 -16.76 -0.42
CA PHE A 30 -5.24 -17.66 0.47
C PHE A 30 -3.98 -16.96 0.92
N CYS A 31 -3.61 -17.09 2.17
CA CYS A 31 -2.37 -16.42 2.65
C CYS A 31 -1.15 -17.16 2.10
N LYS A 32 -0.31 -16.49 1.36
CA LYS A 32 0.90 -17.15 0.80
C LYS A 32 2.11 -16.91 1.70
N SER A 33 2.00 -16.04 2.68
CA SER A 33 3.18 -15.75 3.56
C SER A 33 3.41 -16.87 4.56
N CYS A 34 2.51 -17.07 5.51
CA CYS A 34 2.72 -18.17 6.50
C CYS A 34 2.27 -19.53 5.94
N TRP A 35 1.12 -19.58 5.27
CA TRP A 35 0.61 -20.89 4.72
C TRP A 35 -0.80 -20.69 4.15
N PHE A 36 -1.35 -21.69 3.51
CA PHE A 36 -2.73 -21.55 2.93
C PHE A 36 -3.79 -21.75 4.02
N GLU A 37 -4.40 -20.67 4.46
CA GLU A 37 -5.46 -20.77 5.51
C GLU A 37 -6.57 -19.73 5.25
N ASN A 38 -7.77 -20.02 5.67
CA ASN A 38 -8.89 -19.07 5.47
C ASN A 38 -9.52 -18.67 6.82
N LYS A 39 -8.80 -18.88 7.90
CA LYS A 39 -9.34 -18.54 9.25
C LYS A 39 -9.58 -17.04 9.39
N GLY A 40 -8.64 -16.23 8.96
CA GLY A 40 -8.80 -14.74 9.07
C GLY A 40 -7.93 -14.06 8.02
N LEU A 41 -8.09 -14.43 6.78
CA LEU A 41 -7.26 -13.82 5.70
C LEU A 41 -7.63 -12.34 5.48
N VAL A 42 -6.63 -11.51 5.37
CA VAL A 42 -6.85 -10.06 5.13
C VAL A 42 -6.02 -9.64 3.91
N GLU A 43 -6.67 -9.29 2.84
CA GLU A 43 -5.92 -8.93 1.61
C GLU A 43 -5.13 -7.62 1.77
N CYS A 44 -3.88 -7.65 1.40
CA CYS A 44 -3.04 -6.43 1.41
C CYS A 44 -3.33 -5.76 0.06
N ASN A 45 -2.83 -4.57 -0.23
CA ASN A 45 -3.16 -3.96 -1.56
C ASN A 45 -2.83 -4.95 -2.70
N ASN A 46 -1.57 -5.18 -2.96
CA ASN A 46 -1.18 -6.17 -4.00
C ASN A 46 -0.55 -7.43 -3.36
N HIS A 47 -0.95 -7.79 -2.16
CA HIS A 47 -0.32 -8.97 -1.47
C HIS A 47 -1.34 -9.61 -0.49
N TYR A 48 -1.18 -10.87 -0.15
CA TYR A 48 -2.15 -11.53 0.79
C TYR A 48 -1.54 -11.76 2.17
N LEU A 49 -2.23 -11.40 3.21
CA LEU A 49 -1.76 -11.65 4.60
C LEU A 49 -2.97 -12.05 5.44
N CYS A 50 -2.79 -12.87 6.45
CA CYS A 50 -3.96 -13.27 7.29
C CYS A 50 -3.79 -12.69 8.71
N LEU A 51 -4.87 -12.50 9.40
CA LEU A 51 -4.82 -11.92 10.77
C LEU A 51 -3.94 -12.78 11.68
N ASN A 52 -3.85 -14.05 11.42
CA ASN A 52 -3.00 -14.93 12.28
C ASN A 52 -1.54 -14.46 12.28
N CYS A 53 -0.95 -14.26 11.13
CA CYS A 53 0.46 -13.77 11.08
C CYS A 53 0.49 -12.25 10.97
N LEU A 54 -0.52 -11.67 10.38
CA LEU A 54 -0.56 -10.19 10.22
C LEU A 54 -0.53 -9.51 11.60
N THR A 55 -1.30 -10.01 12.53
CA THR A 55 -1.31 -9.40 13.89
C THR A 55 0.06 -9.57 14.57
N LEU A 56 0.63 -10.75 14.49
CA LEU A 56 1.96 -10.99 15.14
C LEU A 56 3.03 -10.10 14.51
N LEU A 57 3.04 -9.99 13.21
CA LEU A 57 4.07 -9.12 12.54
C LEU A 57 3.46 -7.77 12.16
N LEU A 58 2.28 -7.44 12.67
CA LEU A 58 1.63 -6.13 12.28
C LEU A 58 1.38 -6.15 10.76
N SER A 59 0.25 -5.65 10.31
CA SER A 59 0.04 -5.65 8.83
C SER A 59 1.03 -4.66 8.23
N VAL A 60 0.86 -3.41 8.55
CA VAL A 60 1.80 -2.36 8.07
C VAL A 60 1.94 -1.30 9.17
N SER A 61 2.47 -1.66 10.32
CA SER A 61 2.63 -0.64 11.40
C SER A 61 3.42 0.55 10.86
N ASN A 62 4.45 0.28 10.10
CA ASN A 62 5.24 1.37 9.49
C ASN A 62 5.31 1.15 7.98
N ARG A 63 5.61 -0.06 7.58
CA ARG A 63 5.71 -0.37 6.12
C ARG A 63 5.52 -1.86 5.87
N CYS A 64 5.07 -2.24 4.70
CA CYS A 64 4.94 -3.69 4.38
C CYS A 64 6.19 -4.09 3.57
N PRO A 65 7.04 -4.91 4.15
CA PRO A 65 8.31 -5.28 3.47
C PRO A 65 8.09 -6.11 2.21
N ILE A 66 7.07 -6.94 2.19
CA ILE A 66 6.83 -7.79 0.98
C ILE A 66 6.19 -6.98 -0.15
N CYS A 67 5.38 -5.99 0.17
CA CYS A 67 4.76 -5.18 -0.90
C CYS A 67 5.83 -4.34 -1.61
N LYS A 68 7.02 -4.25 -1.02
CA LYS A 68 8.14 -3.46 -1.65
C LYS A 68 7.70 -2.03 -1.94
N MET A 69 6.78 -1.53 -1.17
CA MET A 69 6.32 -0.12 -1.39
C MET A 69 6.08 0.61 -0.05
N PRO A 70 6.10 1.91 -0.10
CA PRO A 70 5.88 2.73 1.12
C PRO A 70 4.40 2.79 1.49
N LEU A 71 4.11 2.98 2.75
CA LEU A 71 2.69 3.07 3.20
C LEU A 71 2.40 4.49 3.72
N PRO A 72 1.86 5.32 2.86
CA PRO A 72 1.54 6.71 3.27
C PRO A 72 0.40 6.73 4.29
N THR A 73 0.39 7.73 5.15
CA THR A 73 -0.69 7.83 6.17
C THR A 73 -1.94 8.44 5.53
N LYS A 74 -3.07 7.81 5.72
CA LYS A 74 -4.34 8.34 5.13
C LYS A 74 -4.64 9.74 5.69
N LEU A 75 -5.05 10.65 4.86
CA LEU A 75 -5.37 12.02 5.34
C LEU A 75 -6.87 12.27 5.30
N ARG A 76 -7.45 12.70 6.39
CA ARG A 76 -8.92 12.94 6.40
C ARG A 76 -9.24 14.30 5.74
N PRO A 77 -10.16 14.30 4.80
CA PRO A 77 -10.54 15.56 4.10
C PRO A 77 -11.34 16.48 5.03
N SER A 78 -11.89 15.94 6.09
CA SER A 78 -12.70 16.79 7.04
C SER A 78 -11.79 17.80 7.73
N ALA A 79 -12.27 19.00 7.94
CA ALA A 79 -11.45 20.04 8.62
C ALA A 79 -12.33 20.84 9.58
N ALA A 80 -11.78 21.23 10.70
CA ALA A 80 -12.57 22.01 11.70
C ALA A 80 -11.63 22.61 12.76
N PRO A 81 -10.80 23.54 12.33
CA PRO A 81 -9.84 24.17 13.26
C PRO A 81 -10.57 25.19 14.15
N THR A 82 -10.65 24.92 15.42
CA THR A 82 -11.34 25.87 16.35
C THR A 82 -10.40 26.22 17.52
N ALA A 83 -10.22 27.49 17.78
CA ALA A 83 -9.33 27.89 18.91
C ALA A 83 -9.81 29.23 19.50
N PRO A 84 -10.84 29.16 20.32
CA PRO A 84 -11.39 30.38 20.94
C PRO A 84 -10.47 30.87 22.07
N PRO A 85 -10.51 32.15 22.34
CA PRO A 85 -9.65 32.73 23.41
C PRO A 85 -10.20 32.34 24.79
N THR A 86 -9.34 32.26 25.77
CA THR A 86 -9.80 31.90 27.14
C THR A 86 -9.17 32.85 28.18
N GLY A 87 -9.81 33.00 29.31
CA GLY A 87 -9.25 33.91 30.37
C GLY A 87 -9.30 35.35 29.85
N ALA A 88 -10.25 35.68 29.01
CA ALA A 88 -10.35 37.07 28.47
C ALA A 88 -11.20 37.93 29.41
N ALA A 89 -10.67 38.27 30.55
CA ALA A 89 -11.44 39.12 31.51
C ALA A 89 -10.51 40.09 32.24
N ASP A 90 -10.88 41.35 32.29
CA ASP A 90 -10.02 42.35 32.97
C ASP A 90 -9.88 42.00 34.46
N SER A 91 -10.96 41.66 35.09
CA SER A 91 -10.90 41.29 36.54
C SER A 91 -12.09 40.40 36.91
N ILE A 92 -11.94 39.58 37.92
CA ILE A 92 -13.06 38.68 38.33
C ILE A 92 -13.47 38.99 39.77
N ARG A 93 -14.74 39.20 40.01
CA ARG A 93 -15.22 39.51 41.39
C ARG A 93 -14.41 40.67 41.99
N PRO A 94 -14.43 41.79 41.32
CA PRO A 94 -13.65 42.96 41.79
C PRO A 94 -14.32 43.57 43.03
N PRO A 95 -13.52 44.21 43.85
CA PRO A 95 -14.06 44.83 45.08
C PRO A 95 -14.84 46.12 44.74
N PRO A 96 -15.76 46.47 45.60
CA PRO A 96 -16.58 47.69 45.39
C PRO A 96 -15.73 48.95 45.64
N TYR A 97 -16.03 50.02 44.97
CA TYR A 97 -15.25 51.28 45.17
C TYR A 97 -15.37 51.77 46.61
N SER A 98 -16.57 51.72 47.16
CA SER A 98 -16.77 52.18 48.57
C SER A 98 -18.00 51.49 49.18
N PRO A 99 -17.78 50.32 49.76
CA PRO A 99 -18.89 49.58 50.39
C PRO A 99 -19.30 50.22 51.72
N MET A 1 1.66 -33.06 -50.12
CA MET A 1 0.29 -32.49 -50.04
C MET A 1 -0.02 -32.05 -48.61
N GLY A 2 0.36 -32.85 -47.64
CA GLY A 2 0.10 -32.50 -46.21
C GLY A 2 0.49 -33.67 -45.32
N ASN A 3 1.65 -33.58 -44.71
CA ASN A 3 2.12 -34.68 -43.80
C ASN A 3 2.66 -34.09 -42.49
N LYS A 4 1.92 -33.20 -41.88
CA LYS A 4 2.39 -32.58 -40.60
C LYS A 4 2.55 -33.64 -39.51
N GLN A 5 1.62 -34.55 -39.41
CA GLN A 5 1.69 -35.63 -38.36
C GLN A 5 1.92 -35.01 -36.98
N ALA A 6 1.25 -33.92 -36.69
CA ALA A 6 1.43 -33.24 -35.35
C ALA A 6 2.91 -32.95 -35.10
N LYS A 7 3.37 -31.78 -35.46
CA LYS A 7 4.80 -31.43 -35.23
C LYS A 7 5.02 -31.09 -33.75
N ALA A 8 6.17 -31.46 -33.22
CA ALA A 8 6.47 -31.16 -31.78
C ALA A 8 5.43 -31.83 -30.87
N PRO A 9 5.76 -31.95 -29.60
CA PRO A 9 4.82 -32.58 -28.63
C PRO A 9 3.66 -31.63 -28.33
N GLU A 10 2.52 -32.15 -27.96
CA GLU A 10 1.35 -31.27 -27.65
C GLU A 10 0.89 -31.50 -26.20
N SER A 11 0.70 -30.44 -25.46
CA SER A 11 0.24 -30.58 -24.05
C SER A 11 -1.21 -30.12 -23.92
N LYS A 12 -2.09 -31.01 -23.55
CA LYS A 12 -3.53 -30.63 -23.39
C LYS A 12 -3.69 -29.59 -22.28
N ASP A 13 -3.00 -29.77 -21.18
CA ASP A 13 -3.12 -28.80 -20.05
C ASP A 13 -1.90 -27.87 -20.04
N SER A 14 -2.13 -26.61 -19.78
CA SER A 14 -0.99 -25.63 -19.74
C SER A 14 -1.43 -24.34 -19.03
N PRO A 15 -0.47 -23.65 -18.44
CA PRO A 15 -0.78 -22.39 -17.72
C PRO A 15 -1.19 -21.28 -18.68
N ARG A 16 -0.70 -21.31 -19.90
CA ARG A 16 -1.05 -20.23 -20.89
C ARG A 16 -0.82 -18.84 -20.28
N ALA A 17 0.07 -18.74 -19.33
CA ALA A 17 0.35 -17.42 -18.69
C ALA A 17 1.83 -17.30 -18.33
N SER A 18 2.61 -16.73 -19.23
CA SER A 18 4.07 -16.58 -18.96
C SER A 18 4.49 -15.12 -19.15
N LEU A 19 5.05 -14.50 -18.13
CA LEU A 19 5.51 -13.08 -18.28
C LEU A 19 4.38 -12.19 -18.85
N ILE A 20 3.14 -12.61 -18.68
CA ILE A 20 1.99 -11.83 -19.21
C ILE A 20 0.68 -12.18 -18.46
N PRO A 21 0.42 -11.46 -17.37
CA PRO A 21 -0.81 -11.71 -16.57
C PRO A 21 -2.04 -11.16 -17.29
N ASP A 22 -3.21 -11.67 -16.97
CA ASP A 22 -4.46 -11.18 -17.63
C ASP A 22 -5.10 -10.07 -16.80
N ALA A 23 -4.35 -9.05 -16.46
CA ALA A 23 -4.90 -7.93 -15.63
C ALA A 23 -5.56 -8.47 -14.37
N THR A 24 -4.77 -8.89 -13.41
CA THR A 24 -5.35 -9.45 -12.14
C THR A 24 -4.82 -8.69 -10.93
N HIS A 25 -5.35 -7.52 -10.67
CA HIS A 25 -4.87 -6.72 -9.49
C HIS A 25 -5.16 -7.48 -8.19
N LEU A 26 -6.36 -7.98 -8.05
CA LEU A 26 -6.71 -8.73 -6.81
C LEU A 26 -7.63 -9.91 -7.14
N GLY A 27 -7.08 -10.99 -7.64
CA GLY A 27 -7.91 -12.17 -7.99
C GLY A 27 -7.82 -13.20 -6.85
N PRO A 28 -6.91 -14.15 -6.98
CA PRO A 28 -6.76 -15.18 -5.93
C PRO A 28 -6.13 -14.59 -4.67
N GLN A 29 -6.53 -15.04 -3.51
CA GLN A 29 -5.94 -14.49 -2.25
C GLN A 29 -5.52 -15.63 -1.32
N PHE A 30 -4.31 -16.10 -1.48
CA PHE A 30 -3.79 -17.20 -0.61
C PHE A 30 -2.60 -16.70 0.20
N CYS A 31 -2.55 -17.00 1.48
CA CYS A 31 -1.40 -16.52 2.30
C CYS A 31 -0.18 -17.41 2.06
N LYS A 32 0.89 -16.81 1.64
CA LYS A 32 2.13 -17.58 1.39
C LYS A 32 3.11 -17.41 2.57
N SER A 33 2.82 -16.48 3.47
CA SER A 33 3.76 -16.25 4.62
C SER A 33 3.66 -17.35 5.68
N CYS A 34 2.54 -17.45 6.38
CA CYS A 34 2.42 -18.51 7.42
C CYS A 34 2.03 -19.87 6.82
N TRP A 35 1.08 -19.89 5.89
CA TRP A 35 0.63 -21.19 5.26
C TRP A 35 -0.61 -20.92 4.39
N PHE A 36 -1.22 -21.96 3.87
CA PHE A 36 -2.44 -21.78 3.03
C PHE A 36 -3.70 -21.89 3.92
N GLU A 37 -4.43 -20.82 4.07
CA GLU A 37 -5.67 -20.88 4.92
C GLU A 37 -6.57 -19.67 4.63
N ASN A 38 -7.81 -19.91 4.29
CA ASN A 38 -8.75 -18.78 4.00
C ASN A 38 -9.73 -18.59 5.18
N LYS A 39 -9.48 -19.22 6.30
CA LYS A 39 -10.39 -19.09 7.48
C LYS A 39 -10.47 -17.64 7.95
N GLY A 40 -9.35 -16.98 8.09
CA GLY A 40 -9.35 -15.56 8.56
C GLY A 40 -8.28 -14.78 7.80
N LEU A 41 -8.31 -14.84 6.50
CA LEU A 41 -7.29 -14.12 5.68
C LEU A 41 -7.65 -12.64 5.51
N VAL A 42 -6.66 -11.79 5.58
CA VAL A 42 -6.89 -10.33 5.40
C VAL A 42 -6.27 -9.92 4.07
N GLU A 43 -6.99 -9.22 3.23
CA GLU A 43 -6.44 -8.84 1.91
C GLU A 43 -5.74 -7.49 1.92
N CYS A 44 -4.43 -7.50 1.81
CA CYS A 44 -3.66 -6.22 1.71
C CYS A 44 -4.01 -5.64 0.33
N ASN A 45 -3.59 -4.44 0.00
CA ASN A 45 -3.96 -3.90 -1.36
C ASN A 45 -3.56 -4.90 -2.46
N ASN A 46 -2.28 -5.05 -2.71
CA ASN A 46 -1.81 -6.04 -3.73
C ASN A 46 -1.14 -7.25 -3.06
N HIS A 47 -1.55 -7.60 -1.86
CA HIS A 47 -0.89 -8.73 -1.13
C HIS A 47 -1.89 -9.40 -0.16
N TYR A 48 -1.71 -10.68 0.14
CA TYR A 48 -2.67 -11.36 1.08
C TYR A 48 -1.97 -11.94 2.32
N LEU A 49 -2.45 -11.59 3.48
CA LEU A 49 -1.89 -12.17 4.75
C LEU A 49 -3.06 -12.40 5.71
N CYS A 50 -2.90 -13.24 6.71
CA CYS A 50 -4.03 -13.49 7.66
C CYS A 50 -3.86 -12.60 8.89
N LEU A 51 -4.94 -12.22 9.50
CA LEU A 51 -4.87 -11.34 10.71
C LEU A 51 -4.06 -12.04 11.81
N ASN A 52 -4.19 -13.33 11.92
CA ASN A 52 -3.45 -14.08 12.99
C ASN A 52 -1.93 -13.94 12.82
N CYS A 53 -1.42 -14.07 11.61
CA CYS A 53 0.05 -13.94 11.40
C CYS A 53 0.39 -12.47 11.13
N LEU A 54 -0.53 -11.74 10.54
CA LEU A 54 -0.27 -10.30 10.25
C LEU A 54 -0.09 -9.51 11.55
N THR A 55 -0.87 -9.80 12.56
CA THR A 55 -0.75 -9.07 13.87
C THR A 55 0.68 -9.16 14.40
N LEU A 56 1.35 -10.27 14.17
CA LEU A 56 2.75 -10.41 14.68
C LEU A 56 3.64 -9.33 14.04
N LEU A 57 3.49 -9.08 12.77
CA LEU A 57 4.32 -8.02 12.12
C LEU A 57 3.48 -6.76 11.86
N LEU A 58 2.27 -6.70 12.39
CA LEU A 58 1.39 -5.50 12.14
C LEU A 58 1.11 -5.42 10.65
N SER A 59 0.02 -4.80 10.25
CA SER A 59 -0.26 -4.70 8.79
C SER A 59 0.86 -3.88 8.16
N VAL A 60 1.09 -2.72 8.70
CA VAL A 60 2.21 -1.85 8.25
C VAL A 60 2.70 -1.00 9.41
N SER A 61 3.26 -1.61 10.44
CA SER A 61 3.75 -0.80 11.60
C SER A 61 4.73 0.26 11.09
N ASN A 62 5.60 -0.13 10.21
CA ASN A 62 6.54 0.83 9.59
C ASN A 62 6.43 0.72 8.08
N ARG A 63 6.48 -0.51 7.58
CA ARG A 63 6.37 -0.72 6.11
C ARG A 63 5.95 -2.17 5.80
N CYS A 64 5.17 -2.37 4.76
CA CYS A 64 4.78 -3.77 4.38
C CYS A 64 5.89 -4.30 3.45
N PRO A 65 6.69 -5.22 3.93
CA PRO A 65 7.84 -5.72 3.12
C PRO A 65 7.38 -6.50 1.88
N ILE A 66 6.29 -7.23 1.97
CA ILE A 66 5.82 -8.00 0.77
C ILE A 66 5.26 -7.06 -0.30
N CYS A 67 4.46 -6.09 0.08
CA CYS A 67 3.90 -5.14 -0.94
C CYS A 67 5.04 -4.45 -1.69
N LYS A 68 6.23 -4.43 -1.10
CA LYS A 68 7.40 -3.78 -1.78
C LYS A 68 7.14 -2.28 -1.98
N MET A 69 6.39 -1.69 -1.09
CA MET A 69 6.10 -0.23 -1.23
C MET A 69 6.13 0.47 0.14
N PRO A 70 6.49 1.74 0.12
CA PRO A 70 6.57 2.52 1.39
C PRO A 70 5.19 2.96 1.85
N LEU A 71 5.06 3.29 3.11
CA LEU A 71 3.74 3.75 3.64
C LEU A 71 3.82 5.25 3.96
N PRO A 72 3.64 6.07 2.94
CA PRO A 72 3.70 7.54 3.15
C PRO A 72 2.51 8.02 3.96
N THR A 73 2.66 9.15 4.61
CA THR A 73 1.53 9.70 5.44
C THR A 73 1.45 11.21 5.25
N LYS A 74 0.32 11.80 5.53
CA LYS A 74 0.17 13.27 5.36
C LYS A 74 0.14 13.97 6.71
N LEU A 75 0.84 15.08 6.84
CA LEU A 75 0.86 15.80 8.14
C LEU A 75 -0.55 16.29 8.51
N ARG A 76 -1.28 16.79 7.53
CA ARG A 76 -2.66 17.29 7.80
C ARG A 76 -2.64 18.31 8.96
N PRO A 77 -1.91 19.38 8.78
CA PRO A 77 -1.81 20.41 9.85
C PRO A 77 -3.10 21.21 9.93
N SER A 78 -3.34 21.84 11.05
CA SER A 78 -4.60 22.64 11.21
C SER A 78 -4.52 23.90 10.34
N ALA A 79 -5.63 24.31 9.79
CA ALA A 79 -5.65 25.54 8.93
C ALA A 79 -5.42 26.79 9.79
N ALA A 80 -4.70 27.75 9.27
CA ALA A 80 -4.44 29.01 10.05
C ALA A 80 -4.08 30.15 9.08
N PRO A 81 -5.08 30.73 8.46
CA PRO A 81 -4.83 31.84 7.51
C PRO A 81 -4.36 33.09 8.26
N THR A 82 -4.80 33.25 9.48
CA THR A 82 -4.38 34.44 10.27
C THR A 82 -3.85 34.02 11.64
N ALA A 83 -2.71 34.55 12.04
CA ALA A 83 -2.13 34.18 13.37
C ALA A 83 -2.90 34.90 14.48
N PRO A 84 -3.02 36.21 14.38
CA PRO A 84 -3.74 36.99 15.42
C PRO A 84 -5.26 36.85 15.23
N PRO A 85 -5.95 36.39 16.25
CA PRO A 85 -7.42 36.24 16.15
C PRO A 85 -8.12 37.62 16.08
N THR A 86 -7.46 38.64 16.59
CA THR A 86 -8.07 40.01 16.58
C THR A 86 -8.26 40.48 15.13
N GLY A 87 -7.26 40.29 14.31
CA GLY A 87 -7.36 40.73 12.88
C GLY A 87 -7.09 42.23 12.79
N ALA A 88 -6.64 42.69 11.65
CA ALA A 88 -6.36 44.16 11.49
C ALA A 88 -7.67 44.94 11.42
N ALA A 89 -7.71 46.12 11.99
CA ALA A 89 -8.96 46.92 11.95
C ALA A 89 -8.67 48.37 12.38
N ASP A 90 -8.21 48.56 13.59
CA ASP A 90 -7.90 49.94 14.07
C ASP A 90 -6.39 50.20 14.03
N SER A 91 -5.66 49.43 13.25
CA SER A 91 -4.18 49.62 13.16
C SER A 91 -3.86 51.03 12.65
N ILE A 92 -4.56 51.47 11.64
CA ILE A 92 -4.30 52.83 11.08
C ILE A 92 -5.59 53.67 11.11
N ARG A 93 -5.53 54.84 11.68
CA ARG A 93 -6.74 55.71 11.74
C ARG A 93 -6.35 57.12 12.21
N PRO A 94 -5.45 57.75 11.49
CA PRO A 94 -4.99 59.11 11.87
C PRO A 94 -6.10 60.14 11.61
N PRO A 95 -6.09 61.20 12.38
CA PRO A 95 -7.12 62.26 12.22
C PRO A 95 -6.87 63.09 10.94
N PRO A 96 -7.74 62.97 9.97
CA PRO A 96 -7.57 63.74 8.71
C PRO A 96 -7.85 65.23 8.95
N TYR A 97 -7.20 66.09 8.20
CA TYR A 97 -7.44 67.55 8.38
C TYR A 97 -7.84 68.18 7.04
N SER A 98 -8.93 68.92 7.03
CA SER A 98 -9.38 69.56 5.76
C SER A 98 -10.40 70.67 6.07
N PRO A 99 -9.89 71.86 6.33
CA PRO A 99 -10.80 73.00 6.64
C PRO A 99 -11.48 73.50 5.36
N MET A 1 11.60 -53.68 -10.74
CA MET A 1 12.02 -53.88 -12.15
C MET A 1 10.85 -53.59 -13.10
N GLY A 2 10.57 -52.33 -13.33
CA GLY A 2 9.46 -51.95 -14.24
C GLY A 2 10.00 -51.69 -15.65
N ASN A 3 9.28 -50.93 -16.43
CA ASN A 3 9.74 -50.63 -17.82
C ASN A 3 9.31 -49.21 -18.22
N LYS A 4 9.77 -48.73 -19.34
CA LYS A 4 9.40 -47.36 -19.80
C LYS A 4 8.34 -47.42 -20.90
N GLN A 5 7.49 -46.44 -20.99
CA GLN A 5 6.43 -46.44 -22.03
C GLN A 5 6.33 -45.06 -22.69
N ALA A 6 5.79 -45.00 -23.88
CA ALA A 6 5.67 -43.68 -24.58
C ALA A 6 4.22 -43.17 -24.48
N LYS A 7 3.54 -43.47 -23.41
CA LYS A 7 2.14 -43.00 -23.25
C LYS A 7 2.10 -41.47 -23.19
N ALA A 8 3.02 -40.87 -22.48
CA ALA A 8 3.05 -39.38 -22.37
C ALA A 8 4.36 -38.84 -22.94
N PRO A 9 4.42 -38.71 -24.25
CA PRO A 9 5.65 -38.18 -24.90
C PRO A 9 5.78 -36.67 -24.65
N GLU A 10 6.99 -36.18 -24.62
CA GLU A 10 7.20 -34.72 -24.38
C GLU A 10 7.13 -33.95 -25.70
N SER A 11 6.79 -32.69 -25.65
CA SER A 11 6.71 -31.87 -26.89
C SER A 11 6.95 -30.39 -26.56
N LYS A 12 7.31 -29.61 -27.54
CA LYS A 12 7.56 -28.16 -27.30
C LYS A 12 6.24 -27.43 -27.00
N ASP A 13 6.23 -26.61 -25.98
CA ASP A 13 4.99 -25.87 -25.63
C ASP A 13 5.02 -24.46 -26.24
N SER A 14 4.18 -24.21 -27.21
CA SER A 14 4.14 -22.87 -27.86
C SER A 14 2.72 -22.29 -27.76
N PRO A 15 2.36 -21.84 -26.58
CA PRO A 15 1.00 -21.26 -26.38
C PRO A 15 0.89 -19.89 -27.04
N ARG A 16 -0.24 -19.61 -27.64
CA ARG A 16 -0.43 -18.28 -28.31
C ARG A 16 -0.49 -17.17 -27.27
N ALA A 17 -1.15 -17.43 -26.15
CA ALA A 17 -1.25 -16.38 -25.09
C ALA A 17 -1.47 -17.03 -23.73
N SER A 18 -0.99 -16.41 -22.68
CA SER A 18 -1.16 -16.98 -21.31
C SER A 18 -2.51 -16.52 -20.73
N LEU A 19 -2.87 -17.07 -19.60
CA LEU A 19 -4.17 -16.68 -18.97
C LEU A 19 -3.97 -15.52 -18.02
N ILE A 20 -4.14 -14.33 -18.53
CA ILE A 20 -3.96 -13.11 -17.69
C ILE A 20 -4.52 -11.88 -18.44
N PRO A 21 -5.81 -11.92 -18.75
CA PRO A 21 -6.45 -10.80 -19.47
C PRO A 21 -6.62 -9.60 -18.53
N ASP A 22 -6.68 -8.41 -19.07
CA ASP A 22 -6.84 -7.19 -18.22
C ASP A 22 -5.80 -7.18 -17.09
N ALA A 23 -5.87 -6.23 -16.21
CA ALA A 23 -4.90 -6.17 -15.08
C ALA A 23 -5.64 -6.19 -13.74
N THR A 24 -5.27 -7.09 -12.88
CA THR A 24 -5.96 -7.18 -11.55
C THR A 24 -4.97 -7.65 -10.47
N HIS A 25 -5.21 -7.28 -9.24
CA HIS A 25 -4.31 -7.70 -8.13
C HIS A 25 -5.11 -7.99 -6.86
N LEU A 26 -6.41 -8.12 -6.97
CA LEU A 26 -7.25 -8.42 -5.78
C LEU A 26 -8.39 -9.37 -6.14
N GLY A 27 -8.28 -10.62 -5.75
CA GLY A 27 -9.37 -11.60 -6.08
C GLY A 27 -9.16 -12.89 -5.28
N PRO A 28 -8.11 -13.62 -5.61
CA PRO A 28 -7.83 -14.89 -4.90
C PRO A 28 -7.40 -14.62 -3.46
N GLN A 29 -7.78 -15.48 -2.55
CA GLN A 29 -7.39 -15.27 -1.12
C GLN A 29 -6.62 -16.49 -0.61
N PHE A 30 -5.33 -16.44 -0.71
CA PHE A 30 -4.48 -17.57 -0.22
C PHE A 30 -3.25 -17.00 0.50
N CYS A 31 -3.22 -17.09 1.81
CA CYS A 31 -2.04 -16.55 2.54
C CYS A 31 -0.85 -17.48 2.35
N LYS A 32 0.14 -17.05 1.62
CA LYS A 32 1.34 -17.90 1.39
C LYS A 32 2.45 -17.58 2.42
N SER A 33 2.29 -16.51 3.17
CA SER A 33 3.34 -16.14 4.15
C SER A 33 3.38 -17.11 5.34
N CYS A 34 2.32 -17.22 6.10
CA CYS A 34 2.34 -18.16 7.26
C CYS A 34 2.08 -19.61 6.82
N TRP A 35 1.08 -19.84 5.99
CA TRP A 35 0.75 -21.24 5.53
C TRP A 35 -0.61 -21.25 4.82
N PHE A 36 -1.10 -22.40 4.44
CA PHE A 36 -2.42 -22.49 3.76
C PHE A 36 -3.53 -22.78 4.78
N GLU A 37 -4.54 -21.95 4.81
CA GLU A 37 -5.66 -22.16 5.78
C GLU A 37 -6.88 -21.31 5.38
N ASN A 38 -6.66 -20.10 4.91
CA ASN A 38 -7.80 -19.22 4.50
C ASN A 38 -8.75 -19.01 5.70
N LYS A 39 -8.22 -19.09 6.90
CA LYS A 39 -9.07 -18.90 8.11
C LYS A 39 -9.56 -17.45 8.21
N GLY A 40 -8.69 -16.49 8.04
CA GLY A 40 -9.10 -15.06 8.14
C GLY A 40 -8.13 -14.20 7.33
N LEU A 41 -7.97 -14.51 6.07
CA LEU A 41 -7.02 -13.74 5.20
C LEU A 41 -7.51 -12.31 5.02
N VAL A 42 -6.60 -11.37 5.04
CA VAL A 42 -6.95 -9.95 4.84
C VAL A 42 -6.32 -9.49 3.53
N GLU A 43 -7.08 -8.93 2.64
CA GLU A 43 -6.52 -8.51 1.32
C GLU A 43 -5.79 -7.18 1.39
N CYS A 44 -4.48 -7.22 1.37
CA CYS A 44 -3.68 -5.95 1.31
C CYS A 44 -3.97 -5.36 -0.07
N ASN A 45 -3.49 -4.17 -0.39
CA ASN A 45 -3.82 -3.62 -1.76
C ASN A 45 -3.47 -4.67 -2.84
N ASN A 46 -2.21 -4.90 -3.08
CA ASN A 46 -1.79 -5.93 -4.08
C ASN A 46 -1.14 -7.14 -3.38
N HIS A 47 -1.51 -7.42 -2.16
CA HIS A 47 -0.86 -8.56 -1.40
C HIS A 47 -1.88 -9.23 -0.46
N TYR A 48 -1.73 -10.52 -0.20
CA TYR A 48 -2.70 -11.21 0.72
C TYR A 48 -2.02 -11.73 1.99
N LEU A 49 -2.47 -11.27 3.13
CA LEU A 49 -1.93 -11.76 4.43
C LEU A 49 -3.11 -11.87 5.41
N CYS A 50 -3.11 -12.83 6.30
CA CYS A 50 -4.25 -12.95 7.25
C CYS A 50 -3.90 -12.28 8.58
N LEU A 51 -4.90 -11.88 9.31
CA LEU A 51 -4.67 -11.21 10.61
C LEU A 51 -3.89 -12.12 11.56
N ASN A 52 -3.93 -13.41 11.32
CA ASN A 52 -3.20 -14.35 12.22
C ASN A 52 -1.71 -14.06 12.20
N CYS A 53 -1.11 -13.99 11.02
CA CYS A 53 0.35 -13.68 10.95
C CYS A 53 0.56 -12.18 10.80
N LEU A 54 -0.36 -11.51 10.16
CA LEU A 54 -0.22 -10.04 9.96
C LEU A 54 -0.19 -9.32 11.31
N THR A 55 -1.06 -9.70 12.22
CA THR A 55 -1.09 -9.05 13.56
C THR A 55 0.23 -9.34 14.31
N LEU A 56 0.72 -10.55 14.26
CA LEU A 56 1.99 -10.88 14.98
C LEU A 56 3.14 -10.05 14.42
N LEU A 57 3.20 -9.90 13.12
CA LEU A 57 4.30 -9.07 12.51
C LEU A 57 3.80 -7.66 12.22
N LEU A 58 2.73 -7.22 12.85
CA LEU A 58 2.17 -5.85 12.56
C LEU A 58 1.77 -5.78 11.10
N SER A 59 0.68 -5.14 10.77
CA SER A 59 0.30 -5.06 9.33
C SER A 59 1.37 -4.21 8.64
N VAL A 60 1.48 -2.98 9.03
CA VAL A 60 2.54 -2.08 8.49
C VAL A 60 2.89 -1.03 9.54
N SER A 61 3.40 -1.43 10.67
CA SER A 61 3.76 -0.42 11.72
C SER A 61 4.69 0.63 11.10
N ASN A 62 5.52 0.20 10.20
CA ASN A 62 6.43 1.14 9.49
C ASN A 62 6.26 0.95 7.99
N ARG A 63 6.32 -0.28 7.53
CA ARG A 63 6.17 -0.56 6.08
C ARG A 63 5.70 -2.00 5.84
N CYS A 64 4.96 -2.24 4.78
CA CYS A 64 4.53 -3.63 4.47
C CYS A 64 5.65 -4.28 3.65
N PRO A 65 6.27 -5.31 4.19
CA PRO A 65 7.41 -5.95 3.49
C PRO A 65 6.96 -6.68 2.20
N ILE A 66 5.78 -7.24 2.18
CA ILE A 66 5.33 -7.95 0.95
C ILE A 66 5.01 -6.98 -0.18
N CYS A 67 4.32 -5.90 0.11
CA CYS A 67 4.01 -4.92 -0.97
C CYS A 67 5.32 -4.27 -1.45
N LYS A 68 6.39 -4.39 -0.70
CA LYS A 68 7.69 -3.79 -1.10
C LYS A 68 7.52 -2.29 -1.40
N MET A 69 6.53 -1.68 -0.83
CA MET A 69 6.30 -0.22 -1.09
C MET A 69 6.11 0.55 0.22
N PRO A 70 6.37 1.83 0.17
CA PRO A 70 6.24 2.69 1.38
C PRO A 70 4.76 3.01 1.66
N LEU A 71 4.41 3.12 2.91
CA LEU A 71 3.00 3.45 3.27
C LEU A 71 2.99 4.66 4.23
N PRO A 72 2.86 5.84 3.65
CA PRO A 72 2.84 7.06 4.48
C PRO A 72 1.57 7.14 5.33
N THR A 73 1.66 7.74 6.49
CA THR A 73 0.46 7.86 7.38
C THR A 73 0.04 9.34 7.52
N LYS A 74 0.94 10.25 7.22
CA LYS A 74 0.59 11.70 7.34
C LYS A 74 0.15 12.25 5.98
N LEU A 75 -0.75 13.18 5.99
CA LEU A 75 -1.24 13.77 4.69
C LEU A 75 -0.83 15.23 4.61
N ARG A 76 -0.33 15.65 3.47
CA ARG A 76 0.09 17.07 3.30
C ARG A 76 1.09 17.48 4.40
N PRO A 77 2.36 17.24 4.15
CA PRO A 77 3.40 17.58 5.15
C PRO A 77 3.61 19.09 5.21
N SER A 78 4.12 19.58 6.31
CA SER A 78 4.35 21.06 6.44
C SER A 78 5.34 21.53 5.36
N ALA A 79 5.09 22.67 4.77
CA ALA A 79 5.99 23.19 3.71
C ALA A 79 6.63 24.51 4.15
N ALA A 80 5.95 25.26 4.99
CA ALA A 80 6.48 26.57 5.47
C ALA A 80 6.75 27.51 4.28
N PRO A 81 6.95 28.78 4.59
CA PRO A 81 7.21 29.77 3.52
C PRO A 81 8.63 29.60 2.97
N THR A 82 8.88 30.07 1.78
CA THR A 82 10.24 29.93 1.18
C THR A 82 11.25 30.70 2.04
N ALA A 83 10.92 31.91 2.43
CA ALA A 83 11.86 32.71 3.26
C ALA A 83 11.55 32.54 4.75
N PRO A 84 12.47 32.97 5.59
CA PRO A 84 12.27 32.85 7.05
C PRO A 84 11.26 33.89 7.55
N PRO A 85 10.55 33.56 8.61
CA PRO A 85 9.55 34.51 9.17
C PRO A 85 10.24 35.72 9.82
N THR A 86 11.44 35.53 10.30
CA THR A 86 12.17 36.65 10.95
C THR A 86 13.63 36.65 10.50
N GLY A 87 14.31 37.76 10.63
CA GLY A 87 15.74 37.83 10.22
C GLY A 87 16.62 38.01 11.46
N ALA A 88 17.89 37.67 11.34
CA ALA A 88 18.81 37.81 12.51
C ALA A 88 19.07 39.29 12.79
N ALA A 89 19.31 39.65 14.02
CA ALA A 89 19.57 41.08 14.35
C ALA A 89 20.82 41.58 13.63
N ASP A 90 21.84 40.75 13.54
CA ASP A 90 23.09 41.15 12.83
C ASP A 90 23.61 42.49 13.38
N SER A 91 23.49 42.70 14.67
CA SER A 91 23.97 43.98 15.27
C SER A 91 25.47 44.13 15.06
N ILE A 92 25.92 45.29 14.67
CA ILE A 92 27.39 45.49 14.46
C ILE A 92 28.13 45.34 15.79
N ARG A 93 27.60 45.92 16.83
CA ARG A 93 28.27 45.83 18.18
C ARG A 93 29.72 46.33 18.06
N PRO A 94 29.88 47.56 17.62
CA PRO A 94 31.23 48.15 17.46
C PRO A 94 31.88 48.43 18.82
N PRO A 95 33.16 48.70 18.81
CA PRO A 95 33.87 48.98 20.08
C PRO A 95 33.49 50.38 20.61
N PRO A 96 33.85 50.64 21.85
CA PRO A 96 33.57 51.95 22.46
C PRO A 96 34.48 53.02 21.87
N TYR A 97 34.07 54.27 21.89
CA TYR A 97 34.93 55.36 21.32
C TYR A 97 35.36 55.03 19.88
N SER A 98 34.44 55.15 18.95
CA SER A 98 34.79 54.86 17.52
C SER A 98 35.82 55.87 17.00
N PRO A 99 35.50 57.14 17.13
CA PRO A 99 36.43 58.20 16.65
C PRO A 99 37.60 58.36 17.63
N MET A 1 10.63 -22.16 -56.45
CA MET A 1 10.48 -23.34 -55.54
C MET A 1 9.39 -23.07 -54.50
N GLY A 2 9.26 -23.93 -53.53
CA GLY A 2 8.22 -23.73 -52.49
C GLY A 2 6.83 -23.82 -53.13
N ASN A 3 6.63 -24.79 -53.98
CA ASN A 3 5.29 -24.93 -54.65
C ASN A 3 4.20 -25.20 -53.61
N LYS A 4 4.48 -26.02 -52.64
CA LYS A 4 3.47 -26.33 -51.59
C LYS A 4 3.11 -25.07 -50.79
N GLN A 5 4.09 -24.27 -50.43
CA GLN A 5 3.81 -23.03 -49.64
C GLN A 5 2.99 -23.36 -48.39
N ALA A 6 3.58 -24.02 -47.44
CA ALA A 6 2.84 -24.39 -46.20
C ALA A 6 3.81 -24.50 -45.02
N LYS A 7 3.37 -24.15 -43.83
CA LYS A 7 4.26 -24.23 -42.63
C LYS A 7 5.56 -23.46 -42.87
N ALA A 8 5.45 -22.19 -43.15
CA ALA A 8 6.68 -21.37 -43.41
C ALA A 8 7.60 -21.37 -42.18
N PRO A 9 8.89 -21.32 -42.42
CA PRO A 9 9.88 -21.33 -41.30
C PRO A 9 9.84 -19.99 -40.57
N GLU A 10 9.31 -18.96 -41.19
CA GLU A 10 9.27 -17.62 -40.52
C GLU A 10 7.88 -17.39 -39.90
N SER A 11 7.83 -17.22 -38.61
CA SER A 11 6.53 -16.98 -37.93
C SER A 11 6.78 -16.29 -36.59
N LYS A 12 5.78 -15.63 -36.05
CA LYS A 12 5.94 -14.93 -34.73
C LYS A 12 7.17 -14.00 -34.77
N ASP A 13 7.09 -12.91 -35.49
CA ASP A 13 8.24 -11.97 -35.57
C ASP A 13 8.52 -11.36 -34.20
N SER A 14 9.76 -11.37 -33.77
CA SER A 14 10.12 -10.79 -32.44
C SER A 14 9.34 -11.49 -31.31
N PRO A 15 9.76 -11.26 -30.08
CA PRO A 15 9.07 -11.88 -28.93
C PRO A 15 7.75 -11.16 -28.62
N ARG A 16 6.64 -11.87 -28.72
CA ARG A 16 5.32 -11.22 -28.44
C ARG A 16 5.26 -10.76 -26.98
N ALA A 17 5.72 -11.58 -26.07
CA ALA A 17 5.69 -11.20 -24.63
C ALA A 17 6.62 -12.13 -23.84
N SER A 18 7.83 -12.28 -24.28
CA SER A 18 8.81 -13.17 -23.57
C SER A 18 9.01 -12.68 -22.13
N LEU A 19 9.06 -11.38 -21.92
CA LEU A 19 9.29 -10.83 -20.56
C LEU A 19 8.01 -10.87 -19.75
N ILE A 20 8.16 -11.14 -18.48
CA ILE A 20 6.99 -11.25 -17.59
C ILE A 20 6.58 -9.87 -17.05
N PRO A 21 5.44 -9.37 -17.51
CA PRO A 21 4.98 -8.04 -17.05
C PRO A 21 4.56 -8.09 -15.59
N ASP A 22 4.23 -9.27 -15.10
CA ASP A 22 3.80 -9.42 -13.67
C ASP A 22 2.61 -8.49 -13.38
N ALA A 23 1.71 -8.35 -14.32
CA ALA A 23 0.53 -7.47 -14.10
C ALA A 23 -0.64 -8.26 -13.54
N THR A 24 -0.62 -8.53 -12.26
CA THR A 24 -1.73 -9.31 -11.63
C THR A 24 -2.37 -8.50 -10.50
N HIS A 25 -3.67 -8.39 -10.51
CA HIS A 25 -4.37 -7.62 -9.43
C HIS A 25 -5.03 -8.59 -8.45
N LEU A 26 -4.65 -8.54 -7.20
CA LEU A 26 -5.25 -9.45 -6.17
C LEU A 26 -5.17 -10.92 -6.65
N GLY A 27 -6.18 -11.42 -7.31
CA GLY A 27 -6.12 -12.83 -7.81
C GLY A 27 -6.68 -13.79 -6.75
N PRO A 28 -5.91 -14.81 -6.41
CA PRO A 28 -6.38 -15.79 -5.39
C PRO A 28 -6.37 -15.16 -4.00
N GLN A 29 -7.19 -15.64 -3.11
CA GLN A 29 -7.23 -15.08 -1.73
C GLN A 29 -6.67 -16.10 -0.73
N PHE A 30 -5.44 -16.52 -0.94
CA PHE A 30 -4.81 -17.50 -0.01
C PHE A 30 -3.55 -16.86 0.59
N CYS A 31 -3.37 -16.97 1.88
CA CYS A 31 -2.16 -16.36 2.50
C CYS A 31 -0.95 -17.25 2.20
N LYS A 32 0.00 -16.72 1.48
CA LYS A 32 1.22 -17.52 1.17
C LYS A 32 2.37 -17.13 2.11
N SER A 33 2.18 -16.13 2.93
CA SER A 33 3.28 -15.71 3.86
C SER A 33 3.45 -16.71 5.02
N CYS A 34 2.45 -16.83 5.87
CA CYS A 34 2.60 -17.79 7.02
C CYS A 34 2.32 -19.24 6.60
N TRP A 35 1.27 -19.48 5.83
CA TRP A 35 0.92 -20.88 5.41
C TRP A 35 -0.45 -20.88 4.71
N PHE A 36 -0.91 -22.03 4.28
CA PHE A 36 -2.24 -22.09 3.60
C PHE A 36 -3.34 -22.43 4.61
N GLU A 37 -4.21 -21.48 4.89
CA GLU A 37 -5.33 -21.73 5.86
C GLU A 37 -6.58 -20.94 5.48
N ASN A 38 -6.41 -19.72 4.98
CA ASN A 38 -7.59 -18.88 4.61
C ASN A 38 -8.56 -18.74 5.79
N LYS A 39 -8.06 -18.87 6.99
CA LYS A 39 -8.94 -18.74 8.19
C LYS A 39 -9.39 -17.29 8.40
N GLY A 40 -8.49 -16.34 8.23
CA GLY A 40 -8.86 -14.91 8.42
C GLY A 40 -7.94 -14.05 7.55
N LEU A 41 -7.89 -14.34 6.27
CA LEU A 41 -7.01 -13.55 5.35
C LEU A 41 -7.65 -12.22 4.99
N VAL A 42 -6.87 -11.17 5.05
CA VAL A 42 -7.38 -9.81 4.68
C VAL A 42 -6.61 -9.36 3.43
N GLU A 43 -7.30 -8.79 2.48
CA GLU A 43 -6.60 -8.38 1.23
C GLU A 43 -5.82 -7.08 1.38
N CYS A 44 -4.52 -7.18 1.34
CA CYS A 44 -3.66 -5.96 1.35
C CYS A 44 -3.85 -5.34 -0.03
N ASN A 45 -3.30 -4.19 -0.34
CA ASN A 45 -3.53 -3.62 -1.71
C ASN A 45 -3.20 -4.67 -2.80
N ASN A 46 -1.95 -4.97 -2.99
CA ASN A 46 -1.55 -6.02 -3.98
C ASN A 46 -1.00 -7.28 -3.28
N HIS A 47 -1.43 -7.56 -2.07
CA HIS A 47 -0.87 -8.74 -1.32
C HIS A 47 -1.94 -9.31 -0.35
N TYR A 48 -1.82 -10.57 0.00
CA TYR A 48 -2.85 -11.18 0.94
C TYR A 48 -2.18 -11.65 2.24
N LEU A 49 -2.60 -11.12 3.35
CA LEU A 49 -2.06 -11.56 4.67
C LEU A 49 -3.24 -11.79 5.61
N CYS A 50 -3.11 -12.65 6.59
CA CYS A 50 -4.26 -12.89 7.50
C CYS A 50 -3.96 -12.39 8.92
N LEU A 51 -4.98 -12.20 9.70
CA LEU A 51 -4.80 -11.66 11.09
C LEU A 51 -3.87 -12.57 11.90
N ASN A 52 -3.85 -13.84 11.61
CA ASN A 52 -2.98 -14.76 12.39
C ASN A 52 -1.51 -14.32 12.30
N CYS A 53 -1.00 -14.09 11.11
CA CYS A 53 0.42 -13.63 10.97
C CYS A 53 0.48 -12.10 10.94
N LEU A 54 -0.55 -11.47 10.44
CA LEU A 54 -0.57 -9.98 10.37
C LEU A 54 -0.48 -9.39 11.77
N THR A 55 -1.22 -9.93 12.71
CA THR A 55 -1.17 -9.40 14.11
C THR A 55 0.21 -9.63 14.73
N LEU A 56 0.76 -10.80 14.55
CA LEU A 56 2.09 -11.10 15.16
C LEU A 56 3.17 -10.17 14.58
N LEU A 57 3.16 -9.94 13.29
CA LEU A 57 4.18 -9.03 12.68
C LEU A 57 3.55 -7.68 12.29
N LEU A 58 2.39 -7.36 12.81
CA LEU A 58 1.70 -6.07 12.42
C LEU A 58 1.43 -6.09 10.90
N SER A 59 0.36 -5.51 10.44
CA SER A 59 0.11 -5.52 8.97
C SER A 59 1.17 -4.59 8.34
N VAL A 60 1.12 -3.34 8.69
CA VAL A 60 2.13 -2.36 8.19
C VAL A 60 2.37 -1.32 9.27
N SER A 61 2.81 -1.74 10.44
CA SER A 61 3.06 -0.74 11.54
C SER A 61 3.98 0.37 11.02
N ASN A 62 4.88 0.00 10.17
CA ASN A 62 5.79 0.99 9.55
C ASN A 62 5.75 0.82 8.04
N ARG A 63 6.00 -0.39 7.58
CA ARG A 63 6.00 -0.67 6.11
C ARG A 63 5.61 -2.12 5.82
N CYS A 64 5.06 -2.38 4.67
CA CYS A 64 4.71 -3.78 4.29
C CYS A 64 5.91 -4.33 3.49
N PRO A 65 6.62 -5.30 4.04
CA PRO A 65 7.84 -5.82 3.37
C PRO A 65 7.53 -6.58 2.07
N ILE A 66 6.43 -7.27 2.00
CA ILE A 66 6.11 -8.04 0.76
C ILE A 66 5.54 -7.14 -0.33
N CYS A 67 4.79 -6.14 0.03
CA CYS A 67 4.22 -5.22 -1.02
C CYS A 67 5.36 -4.49 -1.74
N LYS A 68 6.55 -4.48 -1.15
CA LYS A 68 7.72 -3.79 -1.79
C LYS A 68 7.41 -2.31 -1.99
N MET A 69 6.52 -1.75 -1.23
CA MET A 69 6.20 -0.30 -1.38
C MET A 69 6.02 0.37 -0.01
N PRO A 70 6.86 1.34 0.28
CA PRO A 70 6.78 2.05 1.58
C PRO A 70 5.65 3.08 1.58
N LEU A 71 5.14 3.40 2.74
CA LEU A 71 4.03 4.41 2.85
C LEU A 71 4.18 5.20 4.16
N PRO A 72 5.19 6.05 4.21
CA PRO A 72 5.42 6.85 5.44
C PRO A 72 4.32 7.88 5.63
N THR A 73 4.04 8.23 6.86
CA THR A 73 2.97 9.24 7.15
C THR A 73 3.60 10.62 7.36
N LYS A 74 3.04 11.64 6.79
CA LYS A 74 3.60 13.02 6.96
C LYS A 74 3.18 13.59 8.31
N LEU A 75 4.02 14.42 8.89
CA LEU A 75 3.69 15.04 10.21
C LEU A 75 3.38 16.53 10.03
N ARG A 76 2.28 16.98 10.58
CA ARG A 76 1.91 18.43 10.45
C ARG A 76 1.51 18.99 11.82
N PRO A 77 2.48 19.08 12.72
CA PRO A 77 2.19 19.60 14.07
C PRO A 77 1.99 21.12 14.02
N SER A 78 1.18 21.65 14.90
CA SER A 78 0.95 23.13 14.91
C SER A 78 2.13 23.85 15.57
N ALA A 79 2.34 25.09 15.22
CA ALA A 79 3.47 25.86 15.84
C ALA A 79 2.94 26.88 16.84
N ALA A 80 1.66 27.22 16.76
CA ALA A 80 1.06 28.23 17.70
C ALA A 80 1.75 29.59 17.56
N PRO A 81 1.04 30.64 17.92
CA PRO A 81 1.62 31.99 17.82
C PRO A 81 2.63 32.22 18.95
N THR A 82 3.54 33.15 18.77
CA THR A 82 4.55 33.43 19.83
C THR A 82 4.86 34.92 19.85
N ALA A 83 5.25 35.45 20.99
CA ALA A 83 5.57 36.91 21.09
C ALA A 83 6.30 37.20 22.40
N PRO A 84 7.61 37.07 22.39
CA PRO A 84 8.40 37.33 23.62
C PRO A 84 8.47 38.84 23.90
N PRO A 85 8.68 39.19 25.15
CA PRO A 85 8.78 40.61 25.53
C PRO A 85 10.10 41.22 25.02
N THR A 86 10.06 42.45 24.57
CA THR A 86 11.31 43.11 24.08
C THR A 86 11.52 44.45 24.79
N GLY A 87 10.77 44.72 25.83
CA GLY A 87 10.93 46.01 26.57
C GLY A 87 9.91 47.01 26.04
N ALA A 88 9.52 47.97 26.85
CA ALA A 88 8.52 48.97 26.39
C ALA A 88 8.48 50.14 27.38
N ALA A 89 8.09 51.31 26.92
CA ALA A 89 8.01 52.48 27.82
C ALA A 89 6.58 53.00 27.91
N ASP A 90 6.16 53.44 29.07
CA ASP A 90 4.76 53.95 29.22
C ASP A 90 4.56 55.20 28.37
N SER A 91 5.54 56.06 28.30
CA SER A 91 5.41 57.29 27.47
C SER A 91 6.80 57.78 27.05
N ILE A 92 6.91 58.38 25.90
CA ILE A 92 8.24 58.88 25.44
C ILE A 92 8.73 59.98 26.38
N ARG A 93 7.80 60.78 26.86
CA ARG A 93 8.15 61.92 27.75
C ARG A 93 9.15 62.83 27.06
N PRO A 94 8.65 63.66 26.16
CA PRO A 94 9.55 64.61 25.47
C PRO A 94 10.27 65.54 26.46
N PRO A 95 9.68 65.85 27.63
CA PRO A 95 10.36 66.71 28.59
C PRO A 95 10.96 65.85 29.71
N PRO A 96 11.92 66.40 30.41
CA PRO A 96 12.55 65.67 31.53
C PRO A 96 11.58 65.59 32.72
N TYR A 97 11.69 64.57 33.53
CA TYR A 97 10.77 64.44 34.72
C TYR A 97 9.30 64.59 34.27
N SER A 98 8.40 64.76 35.21
CA SER A 98 6.94 64.91 34.85
C SER A 98 6.49 63.74 33.96
N PRO A 99 6.11 62.65 34.59
CA PRO A 99 5.65 61.46 33.82
C PRO A 99 4.27 61.70 33.22
N MET A 1 -40.47 -19.90 -38.40
CA MET A 1 -40.22 -21.00 -37.43
C MET A 1 -39.94 -22.30 -38.17
N GLY A 2 -38.74 -22.81 -38.07
CA GLY A 2 -38.39 -24.08 -38.77
C GLY A 2 -38.48 -25.26 -37.79
N ASN A 3 -39.27 -25.12 -36.75
CA ASN A 3 -39.41 -26.23 -35.75
C ASN A 3 -38.04 -26.62 -35.20
N LYS A 4 -37.20 -25.65 -34.91
CA LYS A 4 -35.84 -25.96 -34.38
C LYS A 4 -35.92 -26.31 -32.90
N GLN A 5 -35.09 -27.23 -32.46
CA GLN A 5 -35.10 -27.63 -31.02
C GLN A 5 -33.76 -27.31 -30.36
N ALA A 6 -32.68 -27.65 -31.00
CA ALA A 6 -31.33 -27.37 -30.41
C ALA A 6 -31.12 -25.86 -30.27
N LYS A 7 -31.53 -25.10 -31.25
CA LYS A 7 -31.36 -23.61 -31.18
C LYS A 7 -29.89 -23.25 -30.90
N ALA A 8 -28.98 -23.94 -31.52
CA ALA A 8 -27.54 -23.67 -31.28
C ALA A 8 -27.10 -22.41 -32.03
N PRO A 9 -26.09 -21.75 -31.51
CA PRO A 9 -25.58 -20.51 -32.16
C PRO A 9 -24.78 -20.88 -33.42
N GLU A 10 -24.71 -19.97 -34.36
CA GLU A 10 -23.96 -20.25 -35.62
C GLU A 10 -22.47 -20.45 -35.31
N SER A 11 -21.81 -21.35 -36.00
CA SER A 11 -20.36 -21.59 -35.75
C SER A 11 -20.12 -21.88 -34.25
N LYS A 12 -18.91 -21.73 -33.79
CA LYS A 12 -18.63 -21.99 -32.35
C LYS A 12 -18.42 -20.68 -31.60
N ASP A 13 -18.88 -20.60 -30.38
CA ASP A 13 -18.70 -19.36 -29.58
C ASP A 13 -17.50 -19.48 -28.64
N SER A 14 -16.64 -20.46 -28.85
CA SER A 14 -15.45 -20.64 -27.96
C SER A 14 -15.91 -20.82 -26.50
N PRO A 15 -16.65 -21.87 -26.26
CA PRO A 15 -17.17 -22.14 -24.90
C PRO A 15 -16.04 -22.56 -23.95
N ARG A 16 -14.92 -22.98 -24.48
CA ARG A 16 -13.78 -23.41 -23.62
C ARG A 16 -12.59 -22.46 -23.78
N ALA A 17 -12.86 -21.18 -23.91
CA ALA A 17 -11.75 -20.20 -24.08
C ALA A 17 -11.71 -19.24 -22.88
N SER A 18 -10.54 -18.78 -22.53
CA SER A 18 -10.42 -17.84 -21.38
C SER A 18 -9.51 -16.66 -21.76
N LEU A 19 -9.81 -15.49 -21.25
CA LEU A 19 -8.97 -14.29 -21.58
C LEU A 19 -8.07 -13.96 -20.39
N ILE A 20 -6.89 -13.45 -20.66
CA ILE A 20 -5.95 -13.11 -19.55
C ILE A 20 -5.82 -11.58 -19.45
N PRO A 21 -6.68 -10.97 -18.65
CA PRO A 21 -6.68 -9.50 -18.47
C PRO A 21 -5.48 -9.08 -17.60
N ASP A 22 -5.17 -7.81 -17.60
CA ASP A 22 -4.02 -7.33 -16.78
C ASP A 22 -4.27 -7.62 -15.29
N ALA A 23 -3.26 -7.99 -14.57
CA ALA A 23 -3.43 -8.29 -13.12
C ALA A 23 -3.69 -7.00 -12.34
N THR A 24 -4.90 -6.51 -12.40
CA THR A 24 -5.23 -5.24 -11.67
C THR A 24 -6.10 -5.54 -10.44
N HIS A 25 -6.10 -6.77 -9.98
CA HIS A 25 -6.93 -7.14 -8.79
C HIS A 25 -6.24 -8.24 -8.00
N LEU A 26 -6.74 -8.54 -6.83
CA LEU A 26 -6.11 -9.61 -6.00
C LEU A 26 -6.17 -10.95 -6.75
N GLY A 27 -7.33 -11.57 -6.79
CA GLY A 27 -7.45 -12.88 -7.52
C GLY A 27 -7.66 -14.02 -6.53
N PRO A 28 -6.58 -14.67 -6.13
CA PRO A 28 -6.69 -15.80 -5.17
C PRO A 28 -7.01 -15.29 -3.77
N GLN A 29 -7.63 -16.10 -2.96
CA GLN A 29 -7.97 -15.65 -1.57
C GLN A 29 -7.36 -16.61 -0.55
N PHE A 30 -6.11 -16.91 -0.70
CA PHE A 30 -5.41 -17.81 0.26
C PHE A 30 -4.14 -17.13 0.75
N CYS A 31 -3.87 -17.19 2.03
CA CYS A 31 -2.64 -16.53 2.54
C CYS A 31 -1.41 -17.38 2.19
N LYS A 32 -0.54 -16.87 1.38
CA LYS A 32 0.67 -17.64 1.00
C LYS A 32 1.88 -17.16 1.81
N SER A 33 1.72 -16.12 2.60
CA SER A 33 2.88 -15.59 3.39
C SER A 33 3.22 -16.52 4.57
N CYS A 34 2.31 -16.68 5.51
CA CYS A 34 2.63 -17.58 6.67
C CYS A 34 2.42 -19.05 6.31
N TRP A 35 1.33 -19.39 5.66
CA TRP A 35 1.07 -20.83 5.29
C TRP A 35 -0.33 -20.95 4.68
N PHE A 36 -0.75 -22.14 4.33
CA PHE A 36 -2.10 -22.33 3.72
C PHE A 36 -3.12 -22.69 4.82
N GLU A 37 -4.20 -21.95 4.90
CA GLU A 37 -5.24 -22.25 5.94
C GLU A 37 -6.54 -21.50 5.62
N ASN A 38 -6.45 -20.29 5.10
CA ASN A 38 -7.69 -19.50 4.77
C ASN A 38 -8.52 -19.29 6.04
N LYS A 39 -7.88 -19.26 7.18
CA LYS A 39 -8.62 -19.07 8.46
C LYS A 39 -9.14 -17.63 8.57
N GLY A 40 -8.31 -16.65 8.28
CA GLY A 40 -8.75 -15.22 8.39
C GLY A 40 -7.89 -14.36 7.47
N LEU A 41 -7.85 -14.70 6.20
CA LEU A 41 -7.02 -13.92 5.24
C LEU A 41 -7.50 -12.48 5.14
N VAL A 42 -6.57 -11.55 5.16
CA VAL A 42 -6.91 -10.12 5.04
C VAL A 42 -6.26 -9.61 3.75
N GLU A 43 -7.01 -8.96 2.92
CA GLU A 43 -6.45 -8.49 1.62
C GLU A 43 -5.71 -7.15 1.73
N CYS A 44 -4.44 -7.18 1.50
CA CYS A 44 -3.63 -5.92 1.47
C CYS A 44 -3.87 -5.35 0.07
N ASN A 45 -3.39 -4.17 -0.26
CA ASN A 45 -3.67 -3.65 -1.64
C ASN A 45 -3.23 -4.69 -2.70
N ASN A 46 -1.95 -4.86 -2.88
CA ASN A 46 -1.45 -5.89 -3.85
C ASN A 46 -0.82 -7.08 -3.11
N HIS A 47 -1.28 -7.41 -1.93
CA HIS A 47 -0.65 -8.53 -1.15
C HIS A 47 -1.70 -9.17 -0.22
N TYR A 48 -1.57 -10.46 0.08
CA TYR A 48 -2.59 -11.12 0.97
C TYR A 48 -1.94 -11.70 2.24
N LEU A 49 -2.44 -11.32 3.38
CA LEU A 49 -1.94 -11.89 4.68
C LEU A 49 -3.15 -12.06 5.61
N CYS A 50 -3.15 -13.06 6.45
CA CYS A 50 -4.31 -13.28 7.34
C CYS A 50 -4.05 -12.64 8.71
N LEU A 51 -5.09 -12.50 9.49
CA LEU A 51 -4.94 -11.85 10.83
C LEU A 51 -3.91 -12.60 11.68
N ASN A 52 -3.76 -13.87 11.44
CA ASN A 52 -2.78 -14.67 12.24
C ASN A 52 -1.37 -14.11 12.05
N CYS A 53 -0.93 -13.94 10.83
CA CYS A 53 0.44 -13.37 10.60
C CYS A 53 0.36 -11.84 10.52
N LEU A 54 -0.76 -11.32 10.09
CA LEU A 54 -0.92 -9.84 9.99
C LEU A 54 -0.73 -9.20 11.38
N THR A 55 -1.24 -9.81 12.41
CA THR A 55 -1.07 -9.23 13.77
C THR A 55 0.41 -9.22 14.19
N LEU A 56 1.11 -10.31 13.96
CA LEU A 56 2.55 -10.37 14.35
C LEU A 56 3.37 -9.32 13.58
N LEU A 57 3.12 -9.18 12.30
CA LEU A 57 3.86 -8.17 11.51
C LEU A 57 3.07 -6.87 11.38
N LEU A 58 1.90 -6.80 11.98
CA LEU A 58 1.05 -5.56 11.84
C LEU A 58 0.75 -5.35 10.35
N SER A 59 -0.22 -4.53 10.02
CA SER A 59 -0.48 -4.30 8.57
C SER A 59 0.74 -3.58 8.02
N VAL A 60 0.99 -2.40 8.52
CA VAL A 60 2.20 -1.65 8.11
C VAL A 60 2.65 -0.78 9.28
N SER A 61 2.96 -1.38 10.42
CA SER A 61 3.39 -0.55 11.61
C SER A 61 4.53 0.38 11.16
N ASN A 62 5.45 -0.15 10.40
CA ASN A 62 6.55 0.68 9.85
C ASN A 62 6.62 0.49 8.34
N ARG A 63 6.55 -0.74 7.91
CA ARG A 63 6.61 -1.03 6.44
C ARG A 63 5.98 -2.39 6.14
N CYS A 64 5.31 -2.51 5.01
CA CYS A 64 4.74 -3.84 4.63
C CYS A 64 5.82 -4.59 3.84
N PRO A 65 6.31 -5.68 4.37
CA PRO A 65 7.41 -6.42 3.69
C PRO A 65 6.97 -7.07 2.38
N ILE A 66 5.74 -7.52 2.30
CA ILE A 66 5.28 -8.17 1.03
C ILE A 66 5.01 -7.12 -0.06
N CYS A 67 4.35 -6.04 0.26
CA CYS A 67 4.10 -5.00 -0.77
C CYS A 67 5.43 -4.41 -1.25
N LYS A 68 6.49 -4.59 -0.47
CA LYS A 68 7.82 -4.06 -0.87
C LYS A 68 7.75 -2.56 -1.16
N MET A 69 6.82 -1.88 -0.53
CA MET A 69 6.70 -0.42 -0.76
C MET A 69 6.62 0.35 0.58
N PRO A 70 7.18 1.55 0.58
CA PRO A 70 7.18 2.37 1.81
C PRO A 70 5.84 3.09 1.99
N LEU A 71 5.53 3.47 3.21
CA LEU A 71 4.26 4.19 3.47
C LEU A 71 4.57 5.60 3.99
N PRO A 72 4.66 6.55 3.08
CA PRO A 72 4.96 7.94 3.47
C PRO A 72 3.78 8.57 4.22
N THR A 73 4.05 9.59 4.98
CA THR A 73 2.96 10.27 5.76
C THR A 73 2.14 11.16 4.83
N LYS A 74 1.01 11.62 5.28
CA LYS A 74 0.15 12.49 4.41
C LYS A 74 0.78 13.88 4.28
N LEU A 75 0.86 14.39 3.08
CA LEU A 75 1.47 15.74 2.87
C LEU A 75 0.40 16.81 3.00
N ARG A 76 0.71 17.89 3.70
CA ARG A 76 -0.28 18.98 3.87
C ARG A 76 -0.68 19.56 2.49
N PRO A 77 -1.97 19.69 2.27
CA PRO A 77 -2.46 20.24 0.98
C PRO A 77 -2.25 21.75 0.94
N SER A 78 -2.19 22.33 -0.23
CA SER A 78 -1.99 23.82 -0.35
C SER A 78 -0.77 24.26 0.46
N ALA A 79 0.20 23.40 0.60
CA ALA A 79 1.42 23.76 1.37
C ALA A 79 2.29 24.73 0.56
N ALA A 80 1.87 25.97 0.47
CA ALA A 80 2.67 26.97 -0.30
C ALA A 80 2.14 28.38 -0.03
N PRO A 81 2.69 29.00 1.00
CA PRO A 81 2.26 30.37 1.37
C PRO A 81 2.81 31.39 0.36
N THR A 82 2.05 32.41 0.07
CA THR A 82 2.52 33.45 -0.89
C THR A 82 3.31 34.53 -0.16
N ALA A 83 4.05 35.33 -0.87
CA ALA A 83 4.83 36.41 -0.20
C ALA A 83 4.88 37.67 -1.07
N PRO A 84 4.80 38.82 -0.43
CA PRO A 84 4.84 40.10 -1.18
C PRO A 84 6.27 40.44 -1.59
N PRO A 85 6.41 41.16 -2.68
CA PRO A 85 7.74 41.55 -3.17
C PRO A 85 8.33 42.66 -2.29
N THR A 86 9.63 42.81 -2.30
CA THR A 86 10.28 43.87 -1.46
C THR A 86 11.45 44.49 -2.23
N GLY A 87 11.77 45.73 -1.94
CA GLY A 87 12.90 46.40 -2.65
C GLY A 87 14.15 46.34 -1.77
N ALA A 88 15.26 46.82 -2.27
CA ALA A 88 16.52 46.80 -1.47
C ALA A 88 17.34 48.06 -1.72
N ALA A 89 18.00 48.56 -0.71
CA ALA A 89 18.82 49.80 -0.89
C ALA A 89 20.31 49.45 -0.86
N ASP A 90 20.87 49.08 -1.97
CA ASP A 90 22.33 48.74 -2.00
C ASP A 90 23.14 49.93 -2.51
N SER A 91 23.96 50.50 -1.67
CA SER A 91 24.79 51.67 -2.10
C SER A 91 26.26 51.26 -2.19
N ILE A 92 26.86 51.48 -3.33
CA ILE A 92 28.30 51.10 -3.49
C ILE A 92 29.14 52.35 -3.78
N ARG A 93 30.19 52.56 -3.04
CA ARG A 93 31.05 53.75 -3.26
C ARG A 93 32.51 53.43 -2.88
N PRO A 94 33.19 52.74 -3.75
CA PRO A 94 34.60 52.37 -3.49
C PRO A 94 35.51 53.61 -3.62
N PRO A 95 36.75 53.44 -3.23
CA PRO A 95 37.72 54.55 -3.30
C PRO A 95 38.15 54.81 -4.76
N PRO A 96 38.84 55.90 -4.96
CA PRO A 96 39.32 56.25 -6.32
C PRO A 96 40.46 55.33 -6.73
N TYR A 97 40.65 55.13 -8.01
CA TYR A 97 41.76 54.24 -8.48
C TYR A 97 42.51 54.90 -9.62
N SER A 98 43.79 54.61 -9.75
CA SER A 98 44.58 55.22 -10.86
C SER A 98 45.56 54.21 -11.45
N PRO A 99 45.96 54.45 -12.68
CA PRO A 99 46.91 53.54 -13.36
C PRO A 99 48.32 53.72 -12.81
N MET A 1 -11.91 -18.76 -38.30
CA MET A 1 -10.77 -17.80 -38.41
C MET A 1 -9.44 -18.58 -38.53
N GLY A 2 -9.21 -19.19 -39.67
CA GLY A 2 -7.95 -19.96 -39.85
C GLY A 2 -8.01 -21.26 -39.04
N ASN A 3 -9.20 -21.76 -38.79
CA ASN A 3 -9.34 -23.02 -38.01
C ASN A 3 -8.71 -24.19 -38.77
N LYS A 4 -8.86 -24.20 -40.07
CA LYS A 4 -8.28 -25.32 -40.89
C LYS A 4 -6.75 -25.35 -40.76
N GLN A 5 -6.13 -24.22 -40.49
CA GLN A 5 -4.64 -24.18 -40.36
C GLN A 5 -4.22 -24.63 -38.94
N ALA A 6 -4.64 -25.80 -38.52
CA ALA A 6 -4.26 -26.29 -37.17
C ALA A 6 -4.40 -27.81 -37.10
N LYS A 7 -3.60 -28.52 -37.86
CA LYS A 7 -3.66 -30.01 -37.84
C LYS A 7 -3.32 -30.54 -36.46
N ALA A 8 -2.29 -30.01 -35.84
CA ALA A 8 -1.90 -30.48 -34.48
C ALA A 8 -0.95 -29.47 -33.82
N PRO A 9 -1.46 -28.29 -33.54
CA PRO A 9 -0.63 -27.24 -32.91
C PRO A 9 -0.34 -27.58 -31.44
N GLU A 10 0.71 -27.04 -30.88
CA GLU A 10 1.05 -27.35 -29.46
C GLU A 10 1.28 -26.05 -28.67
N SER A 11 0.70 -24.95 -29.12
CA SER A 11 0.89 -23.66 -28.40
C SER A 11 -0.47 -23.01 -28.13
N LYS A 12 -0.58 -22.23 -27.09
CA LYS A 12 -1.87 -21.56 -26.77
C LYS A 12 -1.89 -20.14 -27.33
N ASP A 13 -2.78 -19.88 -28.26
CA ASP A 13 -2.86 -18.52 -28.86
C ASP A 13 -4.02 -17.73 -28.23
N SER A 14 -3.71 -16.72 -27.45
CA SER A 14 -4.78 -15.90 -26.81
C SER A 14 -4.65 -14.44 -27.26
N PRO A 15 -4.95 -14.19 -28.52
CA PRO A 15 -4.84 -12.81 -29.06
C PRO A 15 -5.96 -11.93 -28.52
N ARG A 16 -5.74 -10.64 -28.46
CA ARG A 16 -6.80 -9.73 -27.95
C ARG A 16 -6.97 -8.53 -28.90
N ALA A 17 -8.18 -8.04 -29.04
CA ALA A 17 -8.41 -6.88 -29.95
C ALA A 17 -8.58 -5.59 -29.14
N SER A 18 -7.89 -5.51 -28.04
CA SER A 18 -7.96 -4.29 -27.18
C SER A 18 -6.55 -3.88 -26.77
N LEU A 19 -6.32 -2.62 -26.57
CA LEU A 19 -4.98 -2.17 -26.15
C LEU A 19 -4.88 -1.97 -24.64
N ILE A 20 -5.92 -2.32 -23.91
CA ILE A 20 -5.87 -2.22 -22.41
C ILE A 20 -5.07 -3.46 -21.96
N PRO A 21 -4.23 -3.32 -20.96
CA PRO A 21 -3.40 -4.49 -20.53
C PRO A 21 -4.27 -5.55 -19.86
N ASP A 22 -3.85 -6.79 -19.91
CA ASP A 22 -4.65 -7.87 -19.26
C ASP A 22 -4.10 -8.17 -17.87
N ALA A 23 -4.84 -7.82 -16.86
CA ALA A 23 -4.37 -8.06 -15.46
C ALA A 23 -5.57 -8.40 -14.56
N THR A 24 -5.34 -9.15 -13.51
CA THR A 24 -6.45 -9.52 -12.59
C THR A 24 -6.31 -8.77 -11.26
N HIS A 25 -7.33 -8.05 -10.86
CA HIS A 25 -7.26 -7.32 -9.56
C HIS A 25 -7.53 -8.26 -8.40
N LEU A 26 -6.62 -8.35 -7.47
CA LEU A 26 -6.81 -9.27 -6.29
C LEU A 26 -7.15 -10.70 -6.77
N GLY A 27 -8.41 -11.04 -6.89
CA GLY A 27 -8.78 -12.40 -7.37
C GLY A 27 -8.67 -13.41 -6.21
N PRO A 28 -7.74 -14.36 -6.32
CA PRO A 28 -7.59 -15.36 -5.24
C PRO A 28 -7.01 -14.71 -3.99
N GLN A 29 -7.33 -15.24 -2.84
CA GLN A 29 -6.81 -14.66 -1.58
C GLN A 29 -6.32 -15.77 -0.64
N PHE A 30 -5.07 -16.13 -0.75
CA PHE A 30 -4.49 -17.18 0.13
C PHE A 30 -3.20 -16.65 0.75
N CYS A 31 -2.99 -16.87 2.02
CA CYS A 31 -1.73 -16.36 2.65
C CYS A 31 -0.57 -17.28 2.26
N LYS A 32 0.43 -16.73 1.61
CA LYS A 32 1.58 -17.57 1.20
C LYS A 32 2.75 -17.40 2.18
N SER A 33 2.67 -16.45 3.08
CA SER A 33 3.81 -16.25 4.04
C SER A 33 3.82 -17.32 5.13
N CYS A 34 2.83 -17.35 6.00
CA CYS A 34 2.80 -18.39 7.08
C CYS A 34 2.23 -19.73 6.58
N TRP A 35 1.12 -19.71 5.86
CA TRP A 35 0.50 -21.00 5.35
C TRP A 35 -0.83 -20.68 4.66
N PHE A 36 -1.52 -21.68 4.17
CA PHE A 36 -2.83 -21.43 3.49
C PHE A 36 -3.84 -20.82 4.51
N GLU A 37 -4.82 -21.57 4.97
CA GLU A 37 -5.80 -21.02 5.96
C GLU A 37 -6.41 -19.72 5.45
N ASN A 38 -7.30 -19.80 4.50
CA ASN A 38 -7.97 -18.58 3.98
C ASN A 38 -9.22 -18.25 4.82
N LYS A 39 -9.42 -18.96 5.90
CA LYS A 39 -10.62 -18.70 6.76
C LYS A 39 -10.50 -17.33 7.43
N GLY A 40 -9.30 -16.91 7.77
CA GLY A 40 -9.13 -15.59 8.44
C GLY A 40 -8.03 -14.79 7.74
N LEU A 41 -8.11 -14.68 6.43
CA LEU A 41 -7.07 -13.92 5.69
C LEU A 41 -7.47 -12.45 5.53
N VAL A 42 -6.48 -11.58 5.52
CA VAL A 42 -6.75 -10.12 5.33
C VAL A 42 -6.15 -9.73 3.98
N GLU A 43 -6.97 -9.32 3.04
CA GLU A 43 -6.45 -8.97 1.69
C GLU A 43 -5.82 -7.58 1.63
N CYS A 44 -4.53 -7.53 1.43
CA CYS A 44 -3.82 -6.23 1.26
C CYS A 44 -4.14 -5.76 -0.16
N ASN A 45 -3.78 -4.56 -0.56
CA ASN A 45 -4.12 -4.12 -1.95
C ASN A 45 -3.61 -5.15 -2.97
N ASN A 46 -2.32 -5.24 -3.16
CA ASN A 46 -1.75 -6.26 -4.10
C ASN A 46 -1.05 -7.40 -3.32
N HIS A 47 -1.47 -7.66 -2.11
CA HIS A 47 -0.79 -8.71 -1.28
C HIS A 47 -1.80 -9.39 -0.33
N TYR A 48 -1.57 -10.65 0.04
CA TYR A 48 -2.52 -11.35 0.96
C TYR A 48 -1.82 -11.81 2.24
N LEU A 49 -2.32 -11.40 3.38
CA LEU A 49 -1.73 -11.84 4.68
C LEU A 49 -2.88 -12.08 5.66
N CYS A 50 -2.78 -13.05 6.53
CA CYS A 50 -3.90 -13.30 7.48
C CYS A 50 -3.63 -12.64 8.83
N LEU A 51 -4.65 -12.40 9.58
CA LEU A 51 -4.50 -11.73 10.90
C LEU A 51 -3.59 -12.53 11.82
N ASN A 52 -3.54 -13.83 11.64
CA ASN A 52 -2.69 -14.67 12.54
C ASN A 52 -1.20 -14.24 12.44
N CYS A 53 -0.67 -14.11 11.24
CA CYS A 53 0.75 -13.67 11.11
C CYS A 53 0.82 -12.14 10.97
N LEU A 54 -0.21 -11.56 10.40
CA LEU A 54 -0.23 -10.07 10.22
C LEU A 54 -0.14 -9.38 11.57
N THR A 55 -0.88 -9.86 12.53
CA THR A 55 -0.85 -9.24 13.89
C THR A 55 0.54 -9.33 14.51
N LEU A 56 1.21 -10.45 14.37
CA LEU A 56 2.57 -10.60 14.98
C LEU A 56 3.53 -9.55 14.39
N LEU A 57 3.47 -9.33 13.10
CA LEU A 57 4.36 -8.30 12.47
C LEU A 57 3.56 -7.04 12.13
N LEU A 58 2.33 -6.92 12.63
CA LEU A 58 1.48 -5.73 12.28
C LEU A 58 1.25 -5.71 10.76
N SER A 59 0.19 -5.09 10.31
CA SER A 59 -0.05 -5.05 8.84
C SER A 59 1.05 -4.19 8.23
N VAL A 60 1.16 -2.98 8.69
CA VAL A 60 2.23 -2.06 8.21
C VAL A 60 2.60 -1.10 9.32
N SER A 61 3.05 -1.58 10.46
CA SER A 61 3.43 -0.66 11.60
C SER A 61 4.35 0.43 11.07
N ASN A 62 5.23 0.05 10.19
CA ASN A 62 6.14 1.04 9.55
C ASN A 62 6.05 0.88 8.04
N ARG A 63 6.16 -0.35 7.57
CA ARG A 63 6.09 -0.62 6.10
C ARG A 63 5.57 -2.04 5.83
N CYS A 64 4.89 -2.23 4.73
CA CYS A 64 4.41 -3.62 4.38
C CYS A 64 5.54 -4.33 3.61
N PRO A 65 6.09 -5.38 4.18
CA PRO A 65 7.23 -6.07 3.52
C PRO A 65 6.82 -6.78 2.23
N ILE A 66 5.64 -7.32 2.15
CA ILE A 66 5.22 -8.04 0.90
C ILE A 66 4.95 -7.05 -0.23
N CYS A 67 4.23 -5.99 0.05
CA CYS A 67 3.96 -4.99 -1.02
C CYS A 67 5.27 -4.35 -1.50
N LYS A 68 6.33 -4.49 -0.73
CA LYS A 68 7.66 -3.91 -1.12
C LYS A 68 7.52 -2.41 -1.42
N MET A 69 6.57 -1.75 -0.81
CA MET A 69 6.40 -0.29 -1.06
C MET A 69 6.30 0.49 0.26
N PRO A 70 6.96 1.63 0.31
CA PRO A 70 6.92 2.46 1.54
C PRO A 70 5.63 3.26 1.64
N LEU A 71 5.19 3.55 2.84
CA LEU A 71 3.93 4.34 3.03
C LEU A 71 4.02 5.12 4.35
N PRO A 72 5.06 5.92 4.50
CA PRO A 72 5.23 6.71 5.75
C PRO A 72 4.17 7.82 5.84
N THR A 73 3.26 7.69 6.78
CA THR A 73 2.20 8.73 6.94
C THR A 73 2.82 10.03 7.47
N LYS A 74 3.82 9.92 8.30
CA LYS A 74 4.47 11.15 8.87
C LYS A 74 5.50 11.70 7.87
N LEU A 75 5.53 13.00 7.72
CA LEU A 75 6.51 13.62 6.78
C LEU A 75 7.89 13.72 7.43
N ARG A 76 8.93 13.59 6.65
CA ARG A 76 10.32 13.68 7.22
C ARG A 76 10.53 15.00 7.97
N PRO A 77 11.42 14.98 8.94
CA PRO A 77 11.69 16.21 9.73
C PRO A 77 12.41 17.26 8.87
N SER A 78 13.03 16.85 7.79
CA SER A 78 13.75 17.82 6.91
C SER A 78 12.76 18.64 6.09
N ALA A 79 13.18 19.79 5.62
CA ALA A 79 12.26 20.64 4.81
C ALA A 79 13.09 21.62 3.95
N ALA A 80 13.75 21.12 2.94
CA ALA A 80 14.58 22.00 2.05
C ALA A 80 15.66 22.74 2.86
N PRO A 81 16.64 23.28 2.18
CA PRO A 81 17.73 24.01 2.88
C PRO A 81 17.23 25.38 3.33
N THR A 82 16.45 25.43 4.38
CA THR A 82 15.94 26.74 4.87
C THR A 82 16.26 26.89 6.37
N ALA A 83 16.82 28.02 6.74
CA ALA A 83 17.15 28.26 8.18
C ALA A 83 18.03 27.12 8.74
N PRO A 84 19.19 26.92 8.14
CA PRO A 84 20.09 25.86 8.63
C PRO A 84 20.47 26.02 10.13
N PRO A 85 20.51 27.24 10.67
CA PRO A 85 20.82 27.41 12.10
C PRO A 85 19.52 27.63 12.87
N THR A 86 19.53 27.42 14.15
CA THR A 86 18.28 27.64 14.95
C THR A 86 18.12 29.14 15.27
N GLY A 87 16.96 29.55 15.68
CA GLY A 87 16.73 30.99 16.00
C GLY A 87 16.98 31.20 17.51
N ALA A 88 16.93 32.43 17.95
CA ALA A 88 17.15 32.71 19.39
C ALA A 88 16.48 34.03 19.79
N ALA A 89 16.12 34.17 21.04
CA ALA A 89 15.47 35.43 21.51
C ALA A 89 16.46 36.28 22.30
N ASP A 90 16.59 37.55 21.96
CA ASP A 90 17.53 38.43 22.69
C ASP A 90 16.78 39.26 23.74
N SER A 91 17.03 38.99 24.99
CA SER A 91 16.33 39.76 26.07
C SER A 91 16.76 41.23 26.03
N ILE A 92 15.84 42.13 26.23
CA ILE A 92 16.19 43.58 26.20
C ILE A 92 16.03 44.18 27.60
N ARG A 93 17.04 44.87 28.08
CA ARG A 93 16.96 45.48 29.44
C ARG A 93 17.32 46.96 29.39
N PRO A 94 16.89 47.72 30.38
CA PRO A 94 17.19 49.17 30.42
C PRO A 94 18.67 49.41 30.76
N PRO A 95 19.13 50.62 30.53
CA PRO A 95 20.55 50.96 30.82
C PRO A 95 20.79 51.07 32.33
N PRO A 96 22.04 51.08 32.73
CA PRO A 96 22.38 51.19 34.18
C PRO A 96 22.08 52.61 34.67
N TYR A 97 21.61 52.74 35.89
CA TYR A 97 21.30 54.10 36.43
C TYR A 97 21.99 54.29 37.78
N SER A 98 21.90 53.32 38.65
CA SER A 98 22.54 53.42 40.00
C SER A 98 22.27 52.13 40.80
N PRO A 99 21.01 51.81 41.00
CA PRO A 99 20.66 50.59 41.77
C PRO A 99 20.96 49.34 40.94
#